data_8H4Q
#
_entry.id   8H4Q
#
_cell.length_a   71.125
_cell.length_b   264.071
_cell.length_c   163.897
_cell.angle_alpha   90.000
_cell.angle_beta   90.000
_cell.angle_gamma   90.000
#
_symmetry.space_group_name_H-M   'C 2 2 21'
#
loop_
_entity.id
_entity.type
_entity.pdbx_description
1 polymer 'Rhodanese domain-containing protein'
2 non-polymer '2-[({3-HYDROXY-2-METHYL-5-[(PHOSPHONOOXY)METHYL]PYRIDIN-4-YL}METHYL)AMINO]ACRYLIC ACID'
3 water water
#
_entity_poly.entity_id   1
_entity_poly.type   'polypeptide(L)'
_entity_poly.pdbx_seq_one_letter_code
;MIPRNLLNAYAGPNALRDYFDPDCQPMIPLVEIPQSLNPFYEDGVRIHAKMMSMHPSNNVKIMPALNMLTKEVQPEKSKT
VIEYSSGSTVISLALVSRINHGINDVRAFLSNKTSAPKLRLMQFFGLDVTLFGGPSQPAPNDERGGIYRARMMAREDEAI
LNVDQYENDANWQSHVKWTGPQIHEQLPSIRLICAGMGTSGTMTGLGQYFKTAKPSVFRLGVCTAAGDRVPGPRSLALLS
PVEFPWRDSVDAIEEVGSKDAFTLSLKLCREGLICGPSSGFNLQGLFNYLGRLKAAGTLSSLAGPYGIIDCAFICCDLPY
PYVDEYFDKLGDNAFHPIRNQNLAAVDLYRYDEAWELEPSSALSHFTSSTHGVEAVLLDLRKPEDFIMSHIPGSYNLPLQ
SSNASTPSPFTDAMVLEKQWKELEATFTLDRINAHDLSGKDVYILCYNGDTARVATSVLRAKGISASSVKGGIAAVRKDL
PQMQMAERGRVLVQQDWIKTPEIVAKELRVDSLSPAARGPNEITV
;
_entity_poly.pdbx_strand_id   N,A
#
loop_
_chem_comp.id
_chem_comp.type
_chem_comp.name
_chem_comp.formula
P1T non-polymer '2-[({3-HYDROXY-2-METHYL-5-[(PHOSPHONOOXY)METHYL]PYRIDIN-4-YL}METHYL)AMINO]ACRYLIC ACID' 'C11 H15 N2 O7 P'
#
# COMPACT_ATOMS: atom_id res chain seq x y z
N MET A 1 20.74 -64.29 -23.65
CA MET A 1 21.51 -63.10 -23.31
C MET A 1 21.41 -62.03 -24.40
N ILE A 2 20.44 -61.14 -24.26
CA ILE A 2 20.23 -60.08 -25.24
C ILE A 2 21.43 -59.13 -25.27
N PRO A 3 21.77 -58.67 -26.47
CA PRO A 3 22.90 -57.74 -26.64
C PRO A 3 22.47 -56.29 -26.51
N ARG A 4 23.38 -55.43 -26.09
CA ARG A 4 23.08 -54.01 -25.92
C ARG A 4 23.78 -53.19 -26.99
N ASN A 5 23.24 -52.00 -27.24
CA ASN A 5 23.73 -51.14 -28.31
C ASN A 5 25.13 -50.66 -27.96
N LEU A 6 26.14 -51.23 -28.63
CA LEU A 6 27.53 -50.89 -28.33
C LEU A 6 27.93 -49.55 -28.94
N LEU A 7 27.18 -49.04 -29.91
CA LEU A 7 27.43 -47.72 -30.46
C LEU A 7 26.55 -46.67 -29.81
N ASN A 8 25.54 -47.08 -29.06
CA ASN A 8 24.54 -46.17 -28.49
C ASN A 8 23.88 -45.35 -29.60
N ALA A 9 23.77 -45.94 -30.78
CA ALA A 9 23.18 -45.29 -31.95
C ALA A 9 21.90 -46.02 -32.33
N TYR A 10 20.80 -45.28 -32.39
CA TYR A 10 19.47 -45.87 -32.58
C TYR A 10 18.84 -45.26 -33.82
N ALA A 11 18.68 -46.07 -34.86
CA ALA A 11 18.12 -45.63 -36.13
C ALA A 11 16.91 -46.48 -36.49
N GLY A 12 16.22 -46.05 -37.54
CA GLY A 12 15.06 -46.77 -38.02
C GLY A 12 13.77 -46.22 -37.43
N PRO A 13 12.63 -46.75 -37.87
CA PRO A 13 11.34 -46.27 -37.36
C PRO A 13 11.10 -46.62 -35.89
N ASN A 14 11.89 -47.52 -35.31
CA ASN A 14 11.79 -47.88 -33.91
C ASN A 14 12.95 -47.32 -33.09
N ALA A 15 13.54 -46.21 -33.53
CA ALA A 15 14.70 -45.66 -32.85
C ALA A 15 14.36 -45.25 -31.42
N LEU A 16 13.19 -44.63 -31.22
CA LEU A 16 12.83 -44.19 -29.88
C LEU A 16 12.41 -45.35 -28.99
N ARG A 17 11.73 -46.35 -29.57
CA ARG A 17 11.36 -47.53 -28.81
C ARG A 17 12.59 -48.24 -28.27
N ASP A 18 13.59 -48.46 -29.13
CA ASP A 18 14.84 -49.08 -28.69
C ASP A 18 15.62 -48.18 -27.75
N TYR A 19 15.53 -46.86 -27.94
CA TYR A 19 16.26 -45.93 -27.09
C TYR A 19 15.76 -46.00 -25.65
N PHE A 20 14.46 -46.20 -25.44
CA PHE A 20 13.90 -46.25 -24.10
C PHE A 20 13.92 -47.66 -23.51
N ASP A 21 14.32 -48.67 -24.28
CA ASP A 21 14.30 -50.06 -23.83
C ASP A 21 15.47 -50.32 -22.88
N PRO A 22 15.21 -50.69 -21.62
CA PRO A 22 16.33 -50.97 -20.69
C PRO A 22 17.20 -52.14 -21.12
N ASP A 23 16.74 -52.96 -22.06
CA ASP A 23 17.51 -54.08 -22.58
C ASP A 23 18.35 -53.71 -23.80
N CYS A 24 17.86 -52.78 -24.63
CA CYS A 24 18.70 -52.26 -25.72
C CYS A 24 19.73 -51.27 -25.19
N GLN A 25 19.29 -50.36 -24.32
CA GLN A 25 20.13 -49.35 -23.69
C GLN A 25 21.35 -49.98 -23.03
N PRO A 26 22.45 -49.25 -22.91
CA PRO A 26 23.46 -49.65 -21.91
C PRO A 26 22.79 -49.71 -20.55
N MET A 27 23.36 -50.51 -19.65
CA MET A 27 22.79 -50.60 -18.32
C MET A 27 22.84 -49.24 -17.63
N ILE A 28 21.78 -48.93 -16.89
CA ILE A 28 21.71 -47.75 -16.05
C ILE A 28 22.98 -47.67 -15.22
N PRO A 29 23.75 -46.58 -15.27
CA PRO A 29 25.05 -46.56 -14.61
C PRO A 29 24.97 -46.80 -13.10
N LEU A 30 25.95 -47.55 -12.60
CA LEU A 30 26.19 -47.75 -11.17
C LEU A 30 27.56 -47.17 -10.86
N VAL A 31 27.61 -46.19 -9.96
CA VAL A 31 28.81 -45.40 -9.75
C VAL A 31 29.12 -45.34 -8.27
N GLU A 32 30.34 -45.71 -7.90
CA GLU A 32 30.78 -45.64 -6.51
C GLU A 32 30.99 -44.19 -6.10
N ILE A 33 30.40 -43.80 -4.97
CA ILE A 33 30.54 -42.43 -4.49
C ILE A 33 31.95 -42.26 -3.93
N PRO A 34 32.50 -41.05 -3.89
CA PRO A 34 33.88 -40.89 -3.45
C PRO A 34 34.02 -40.96 -1.93
N GLN A 35 35.27 -41.10 -1.48
CA GLN A 35 35.56 -41.24 -0.05
C GLN A 35 35.05 -40.04 0.73
N SER A 36 35.20 -38.84 0.17
CA SER A 36 34.79 -37.62 0.86
C SER A 36 33.30 -37.60 1.19
N LEU A 37 32.53 -38.48 0.57
CA LEU A 37 31.10 -38.58 0.85
C LEU A 37 30.75 -39.86 1.60
N ASN A 38 31.71 -40.75 1.83
CA ASN A 38 31.47 -42.04 2.46
C ASN A 38 32.12 -42.06 3.84
N PRO A 39 31.39 -41.72 4.91
CA PRO A 39 32.00 -41.69 6.24
C PRO A 39 32.53 -43.04 6.68
N PHE A 40 31.99 -44.13 6.14
CA PHE A 40 32.36 -45.48 6.54
C PHE A 40 33.34 -46.11 5.55
N TYR A 41 34.10 -45.29 4.82
CA TYR A 41 35.06 -45.85 3.87
C TYR A 41 36.22 -46.51 4.60
N GLU A 42 36.69 -45.90 5.69
CA GLU A 42 37.75 -46.49 6.49
C GLU A 42 37.34 -47.81 7.14
N ASP A 43 36.04 -48.13 7.15
CA ASP A 43 35.53 -49.37 7.71
C ASP A 43 35.24 -50.43 6.66
N GLY A 44 35.55 -50.14 5.39
CA GLY A 44 35.40 -51.13 4.35
C GLY A 44 34.07 -51.17 3.65
N VAL A 45 33.24 -50.14 3.78
CA VAL A 45 32.00 -50.11 3.03
C VAL A 45 32.21 -49.32 1.74
N ARG A 46 31.64 -49.83 0.66
CA ARG A 46 31.66 -49.16 -0.63
C ARG A 46 30.22 -48.94 -1.05
N ILE A 47 29.85 -47.67 -1.24
CA ILE A 47 28.48 -47.31 -1.54
C ILE A 47 28.40 -46.95 -3.01
N HIS A 48 27.49 -47.61 -3.73
CA HIS A 48 27.37 -47.48 -5.17
C HIS A 48 25.99 -46.90 -5.48
N ALA A 49 25.97 -45.86 -6.31
CA ALA A 49 24.74 -45.17 -6.67
C ALA A 49 24.22 -45.68 -8.01
N LYS A 50 22.97 -46.12 -8.03
CA LYS A 50 22.32 -46.57 -9.25
C LYS A 50 21.58 -45.37 -9.84
N MET A 51 22.16 -44.76 -10.89
CA MET A 51 21.67 -43.48 -11.40
C MET A 51 20.51 -43.70 -12.36
N MET A 52 19.34 -44.02 -11.78
CA MET A 52 18.14 -44.17 -12.59
C MET A 52 17.81 -42.87 -13.34
N SER A 53 18.28 -41.74 -12.82
CA SER A 53 18.13 -40.44 -13.48
C SER A 53 18.78 -40.39 -14.85
N MET A 54 19.53 -41.41 -15.25
CA MET A 54 20.27 -41.42 -16.51
C MET A 54 19.56 -42.18 -17.62
N HIS A 55 18.40 -42.76 -17.36
CA HIS A 55 17.56 -43.23 -18.45
C HIS A 55 17.12 -42.02 -19.28
N PRO A 56 16.84 -42.22 -20.58
CA PRO A 56 16.37 -41.10 -21.40
C PRO A 56 15.21 -40.31 -20.82
N SER A 57 14.39 -40.94 -19.97
CA SER A 57 13.28 -40.27 -19.33
C SER A 57 13.68 -39.49 -18.09
N ASN A 58 14.88 -39.73 -17.55
CA ASN A 58 15.44 -39.04 -16.40
C ASN A 58 14.82 -39.45 -15.07
N ASN A 59 14.12 -40.57 -14.97
CA ASN A 59 13.60 -40.92 -13.65
C ASN A 59 13.32 -42.41 -13.53
N VAL A 60 13.27 -42.86 -12.27
CA VAL A 60 13.14 -44.28 -11.94
C VAL A 60 11.82 -44.85 -12.44
N LYS A 61 10.78 -44.03 -12.56
CA LYS A 61 9.46 -44.57 -12.86
C LYS A 61 9.30 -45.00 -14.31
N ILE A 62 10.33 -44.85 -15.14
CA ILE A 62 10.19 -45.34 -16.51
C ILE A 62 10.10 -46.87 -16.53
N MET A 63 10.70 -47.53 -15.54
CA MET A 63 10.60 -48.99 -15.49
C MET A 63 9.18 -49.46 -15.18
N PRO A 64 8.51 -48.98 -14.12
CA PRO A 64 7.09 -49.36 -13.96
C PRO A 64 6.21 -48.87 -15.10
N ALA A 65 6.49 -47.69 -15.66
CA ALA A 65 5.68 -47.19 -16.76
C ALA A 65 5.78 -48.10 -17.97
N LEU A 66 7.01 -48.49 -18.34
CA LEU A 66 7.18 -49.41 -19.46
C LEU A 66 6.48 -50.73 -19.21
N ASN A 67 6.71 -51.32 -18.05
CA ASN A 67 6.22 -52.67 -17.79
C ASN A 67 4.71 -52.71 -17.67
N MET A 68 4.13 -51.74 -16.94
CA MET A 68 2.69 -51.73 -16.75
C MET A 68 1.95 -51.52 -18.06
N LEU A 69 2.37 -50.54 -18.86
CA LEU A 69 1.67 -50.24 -20.10
C LEU A 69 1.79 -51.39 -21.09
N THR A 70 2.98 -52.00 -21.19
CA THR A 70 3.14 -53.19 -22.00
C THR A 70 2.15 -54.27 -21.58
N LYS A 71 1.90 -54.39 -20.27
CA LYS A 71 1.01 -55.43 -19.78
C LYS A 71 -0.46 -55.06 -19.98
N GLU A 72 -0.83 -53.81 -19.72
CA GLU A 72 -2.24 -53.45 -19.61
C GLU A 72 -2.84 -52.92 -20.89
N VAL A 73 -2.05 -52.23 -21.71
CA VAL A 73 -2.59 -51.60 -22.91
C VAL A 73 -3.19 -52.58 -23.93
N GLN A 74 -4.35 -52.20 -24.46
CA GLN A 74 -5.01 -53.00 -25.48
C GLN A 74 -4.90 -52.29 -26.81
N PRO A 75 -4.21 -52.86 -27.80
CA PRO A 75 -3.83 -52.10 -28.99
C PRO A 75 -4.98 -51.38 -29.69
N GLU A 76 -6.16 -52.00 -29.77
CA GLU A 76 -7.27 -51.40 -30.50
C GLU A 76 -8.32 -50.77 -29.61
N LYS A 77 -8.43 -51.16 -28.35
CA LYS A 77 -9.40 -50.57 -27.44
C LYS A 77 -8.84 -49.41 -26.64
N SER A 78 -7.57 -49.47 -26.25
CA SER A 78 -6.99 -48.46 -25.36
C SER A 78 -6.71 -47.17 -26.12
N LYS A 79 -7.26 -46.07 -25.61
CA LYS A 79 -7.06 -44.75 -26.20
C LYS A 79 -6.77 -43.65 -25.20
N THR A 80 -6.94 -43.89 -23.90
CA THR A 80 -6.68 -42.90 -22.87
C THR A 80 -5.99 -43.57 -21.69
N VAL A 81 -4.98 -42.89 -21.14
CA VAL A 81 -4.26 -43.34 -19.96
C VAL A 81 -4.52 -42.35 -18.84
N ILE A 82 -4.94 -42.86 -17.68
CA ILE A 82 -5.25 -42.04 -16.52
C ILE A 82 -4.52 -42.62 -15.30
N GLU A 83 -3.94 -41.75 -14.48
CA GLU A 83 -3.16 -42.21 -13.35
C GLU A 83 -3.03 -41.07 -12.33
N TYR A 84 -3.20 -41.40 -11.06
CA TYR A 84 -2.84 -40.48 -9.98
C TYR A 84 -1.35 -40.59 -9.72
N SER A 85 -0.72 -39.47 -9.41
CA SER A 85 0.74 -39.45 -9.35
C SER A 85 1.20 -38.20 -8.61
N SER A 86 2.42 -38.26 -8.10
CA SER A 86 3.09 -37.09 -7.53
C SER A 86 3.96 -36.38 -8.55
N GLY A 87 4.12 -36.93 -9.76
CA GLY A 87 4.89 -36.28 -10.80
C GLY A 87 5.69 -37.21 -11.69
N SER A 88 6.56 -38.04 -11.10
CA SER A 88 7.48 -38.85 -11.89
C SER A 88 6.75 -39.87 -12.74
N THR A 89 5.85 -40.63 -12.13
CA THR A 89 5.17 -41.72 -12.83
C THR A 89 4.41 -41.21 -14.05
N VAL A 90 3.71 -40.09 -13.90
CA VAL A 90 2.83 -39.67 -14.97
C VAL A 90 3.60 -38.98 -16.11
N ILE A 91 4.77 -38.40 -15.83
CA ILE A 91 5.63 -37.98 -16.93
C ILE A 91 6.11 -39.19 -17.72
N SER A 92 6.55 -40.23 -17.01
CA SER A 92 7.03 -41.43 -17.69
C SER A 92 5.92 -42.10 -18.49
N LEU A 93 4.68 -42.05 -17.99
CA LEU A 93 3.57 -42.64 -18.72
C LEU A 93 3.32 -41.89 -20.03
N ALA A 94 3.39 -40.55 -19.99
CA ALA A 94 3.18 -39.78 -21.20
C ALA A 94 4.19 -40.15 -22.28
N LEU A 95 5.45 -40.32 -21.91
CA LEU A 95 6.47 -40.68 -22.87
C LEU A 95 6.25 -42.08 -23.43
N VAL A 96 5.96 -43.05 -22.55
CA VAL A 96 5.81 -44.42 -23.01
C VAL A 96 4.52 -44.59 -23.80
N SER A 97 3.44 -43.92 -23.36
CA SER A 97 2.17 -44.01 -24.09
C SER A 97 2.32 -43.59 -25.53
N ARG A 98 3.17 -42.61 -25.82
CA ARG A 98 3.37 -42.15 -27.18
C ARG A 98 4.43 -42.98 -27.92
N ILE A 99 5.59 -43.19 -27.28
CA ILE A 99 6.68 -43.90 -27.94
C ILE A 99 6.26 -45.33 -28.26
N ASN A 100 5.77 -46.05 -27.26
CA ASN A 100 5.53 -47.49 -27.40
C ASN A 100 4.13 -47.83 -27.86
N HIS A 101 3.15 -46.94 -27.66
CA HIS A 101 1.76 -47.31 -27.89
C HIS A 101 0.96 -46.28 -28.67
N GLY A 102 1.57 -45.17 -29.09
CA GLY A 102 0.88 -44.20 -29.92
C GLY A 102 -0.31 -43.54 -29.27
N ILE A 103 -0.30 -43.41 -27.95
CA ILE A 103 -1.37 -42.76 -27.20
C ILE A 103 -0.85 -41.43 -26.69
N ASN A 104 -1.65 -40.38 -26.87
CA ASN A 104 -1.27 -39.04 -26.43
C ASN A 104 -2.25 -38.45 -25.44
N ASP A 105 -3.42 -39.06 -25.26
CA ASP A 105 -4.41 -38.61 -24.28
C ASP A 105 -4.06 -39.27 -22.95
N VAL A 106 -3.13 -38.64 -22.23
CA VAL A 106 -2.68 -39.08 -20.93
C VAL A 106 -3.13 -38.04 -19.92
N ARG A 107 -3.97 -38.45 -18.97
CA ARG A 107 -4.47 -37.56 -17.95
C ARG A 107 -3.74 -37.80 -16.63
N ALA A 108 -3.41 -36.70 -15.95
CA ALA A 108 -2.64 -36.74 -14.71
C ALA A 108 -3.51 -36.22 -13.59
N PHE A 109 -3.76 -37.07 -12.59
CA PHE A 109 -4.49 -36.66 -11.40
C PHE A 109 -3.46 -36.33 -10.32
N LEU A 110 -3.46 -35.09 -9.85
CA LEU A 110 -2.45 -34.60 -8.93
C LEU A 110 -3.11 -33.92 -7.75
N SER A 111 -2.41 -33.94 -6.62
CA SER A 111 -2.83 -33.13 -5.48
C SER A 111 -2.87 -31.66 -5.86
N ASN A 112 -3.84 -30.94 -5.30
CA ASN A 112 -3.91 -29.49 -5.43
C ASN A 112 -2.79 -28.79 -4.68
N LYS A 113 -1.93 -29.52 -3.98
CA LYS A 113 -0.87 -28.93 -3.17
C LYS A 113 0.52 -29.10 -3.78
N THR A 114 0.65 -29.81 -4.90
CA THR A 114 1.92 -29.88 -5.58
C THR A 114 2.37 -28.49 -6.04
N SER A 115 3.69 -28.29 -6.07
CA SER A 115 4.24 -26.95 -6.25
C SER A 115 3.84 -26.37 -7.61
N ALA A 116 3.84 -25.03 -7.67
CA ALA A 116 3.57 -24.35 -8.93
C ALA A 116 4.61 -24.65 -10.01
N PRO A 117 5.91 -24.77 -9.71
CA PRO A 117 6.84 -25.24 -10.75
C PRO A 117 6.53 -26.65 -11.22
N LYS A 118 6.12 -27.54 -10.30
CA LYS A 118 5.86 -28.93 -10.70
C LYS A 118 4.64 -29.04 -11.60
N LEU A 119 3.61 -28.22 -11.33
CA LEU A 119 2.41 -28.25 -12.17
C LEU A 119 2.74 -27.84 -13.60
N ARG A 120 3.57 -26.81 -13.75
CA ARG A 120 3.99 -26.40 -15.09
C ARG A 120 4.79 -27.50 -15.77
N LEU A 121 5.59 -28.25 -15.00
CA LEU A 121 6.36 -29.34 -15.59
C LEU A 121 5.43 -30.39 -16.19
N MET A 122 4.33 -30.70 -15.49
CA MET A 122 3.35 -31.65 -16.03
C MET A 122 2.77 -31.15 -17.34
N GLN A 123 2.41 -29.86 -17.40
CA GLN A 123 1.92 -29.28 -18.64
C GLN A 123 2.99 -29.34 -19.72
N PHE A 124 4.24 -29.04 -19.36
CA PHE A 124 5.35 -29.06 -20.31
C PHE A 124 5.43 -30.39 -21.04
N PHE A 125 5.28 -31.49 -20.33
CA PHE A 125 5.38 -32.80 -20.96
C PHE A 125 4.07 -33.23 -21.63
N GLY A 126 3.16 -32.29 -21.85
CA GLY A 126 1.94 -32.58 -22.58
C GLY A 126 0.94 -33.41 -21.81
N LEU A 127 0.90 -33.27 -20.49
CA LEU A 127 -0.04 -33.99 -19.66
C LEU A 127 -1.31 -33.18 -19.46
N ASP A 128 -2.36 -33.87 -19.04
CA ASP A 128 -3.68 -33.28 -18.81
C ASP A 128 -3.97 -33.40 -17.33
N VAL A 129 -3.75 -32.30 -16.60
CA VAL A 129 -3.73 -32.33 -15.13
C VAL A 129 -5.10 -31.97 -14.58
N THR A 130 -5.60 -32.80 -13.66
CA THR A 130 -6.76 -32.50 -12.83
C THR A 130 -6.32 -32.52 -11.37
N LEU A 131 -6.73 -31.50 -10.61
CA LEU A 131 -6.33 -31.39 -9.22
C LEU A 131 -7.36 -32.01 -8.30
N PHE A 132 -6.88 -32.64 -7.23
CA PHE A 132 -7.72 -33.24 -6.20
C PHE A 132 -7.35 -32.65 -4.84
N GLY A 133 -8.36 -32.25 -4.06
CA GLY A 133 -8.13 -31.46 -2.88
C GLY A 133 -7.88 -32.19 -1.59
N GLY A 134 -8.01 -33.51 -1.53
CA GLY A 134 -7.86 -34.21 -0.28
C GLY A 134 -6.43 -34.26 0.22
N PRO A 135 -6.08 -35.32 0.97
CA PRO A 135 -4.69 -35.52 1.35
C PRO A 135 -3.79 -35.74 0.13
N SER A 136 -2.55 -35.23 0.24
CA SER A 136 -1.62 -35.30 -0.88
C SER A 136 -1.35 -36.74 -1.31
N GLN A 137 -1.13 -37.63 -0.35
CA GLN A 137 -0.78 -39.02 -0.61
C GLN A 137 -1.86 -39.91 -0.04
N PRO A 138 -3.02 -40.02 -0.69
CA PRO A 138 -4.15 -40.75 -0.13
C PRO A 138 -3.91 -42.25 -0.18
N ALA A 139 -4.78 -42.98 0.53
CA ALA A 139 -4.75 -44.43 0.48
C ALA A 139 -5.44 -44.91 -0.80
N PRO A 140 -4.95 -46.00 -1.40
CA PRO A 140 -5.52 -46.44 -2.69
C PRO A 140 -7.00 -46.74 -2.65
N ASN A 141 -7.55 -47.09 -1.49
CA ASN A 141 -8.97 -47.39 -1.37
C ASN A 141 -9.77 -46.23 -0.78
N ASP A 142 -9.13 -45.09 -0.54
CA ASP A 142 -9.86 -43.90 -0.14
C ASP A 142 -10.72 -43.42 -1.31
N GLU A 143 -12.04 -43.50 -1.15
CA GLU A 143 -12.97 -43.21 -2.24
C GLU A 143 -13.07 -41.72 -2.59
N ARG A 144 -12.21 -40.90 -2.00
CA ARG A 144 -12.12 -39.48 -2.32
C ARG A 144 -10.89 -39.13 -3.14
N GLY A 145 -9.75 -39.75 -2.83
CA GLY A 145 -8.52 -39.43 -3.53
C GLY A 145 -8.54 -39.88 -4.98
N GLY A 146 -7.65 -39.27 -5.76
CA GLY A 146 -7.59 -39.54 -7.18
C GLY A 146 -7.27 -40.97 -7.54
N ILE A 147 -6.58 -41.71 -6.67
CA ILE A 147 -6.23 -43.09 -6.97
C ILE A 147 -7.49 -43.91 -7.21
N TYR A 148 -8.47 -43.77 -6.33
CA TYR A 148 -9.70 -44.52 -6.47
C TYR A 148 -10.53 -44.03 -7.65
N ARG A 149 -10.73 -42.70 -7.74
CA ARG A 149 -11.56 -42.18 -8.82
C ARG A 149 -10.93 -42.43 -10.19
N ALA A 150 -9.60 -42.48 -10.28
CA ALA A 150 -8.96 -42.83 -11.54
C ALA A 150 -9.22 -44.28 -11.90
N ARG A 151 -9.27 -45.15 -10.89
CA ARG A 151 -9.54 -46.57 -11.14
C ARG A 151 -10.96 -46.79 -11.59
N MET A 152 -11.91 -46.06 -11.02
CA MET A 152 -13.31 -46.26 -11.37
C MET A 152 -13.59 -45.77 -12.79
N MET A 153 -13.03 -44.61 -13.16
CA MET A 153 -13.23 -44.10 -14.52
C MET A 153 -12.72 -45.10 -15.56
N ALA A 154 -11.62 -45.79 -15.28
CA ALA A 154 -11.14 -46.83 -16.18
C ALA A 154 -12.06 -48.05 -16.20
N ARG A 155 -12.86 -48.25 -15.15
CA ARG A 155 -13.81 -49.34 -15.14
C ARG A 155 -15.06 -48.99 -15.96
N GLU A 156 -15.53 -47.73 -15.86
CA GLU A 156 -16.73 -47.34 -16.58
C GLU A 156 -16.51 -47.34 -18.09
N ASP A 157 -15.30 -47.04 -18.54
CA ASP A 157 -15.00 -46.94 -19.96
C ASP A 157 -14.00 -48.03 -20.32
N GLU A 158 -14.37 -48.85 -21.30
CA GLU A 158 -13.50 -49.91 -21.81
C GLU A 158 -12.45 -49.39 -22.78
N ALA A 159 -12.48 -48.10 -23.10
CA ALA A 159 -11.51 -47.50 -23.99
C ALA A 159 -10.42 -46.72 -23.25
N ILE A 160 -10.57 -46.52 -21.94
CA ILE A 160 -9.54 -45.85 -21.15
C ILE A 160 -8.95 -46.85 -20.17
N LEU A 161 -7.76 -46.52 -19.68
CA LEU A 161 -6.89 -47.48 -18.99
C LEU A 161 -6.18 -46.80 -17.84
N ASN A 162 -6.43 -47.30 -16.63
CA ASN A 162 -5.67 -46.91 -15.43
C ASN A 162 -4.80 -48.10 -15.05
N VAL A 163 -3.49 -47.98 -15.29
CA VAL A 163 -2.59 -49.05 -14.91
C VAL A 163 -2.44 -49.17 -13.39
N ASP A 164 -2.70 -48.08 -12.67
CA ASP A 164 -2.66 -48.04 -11.21
C ASP A 164 -1.35 -48.52 -10.62
N GLN A 165 -0.36 -47.62 -10.53
CA GLN A 165 0.93 -47.96 -9.96
C GLN A 165 0.84 -48.39 -8.50
N TYR A 166 -0.25 -48.06 -7.82
CA TYR A 166 -0.35 -48.28 -6.38
C TYR A 166 -0.73 -49.71 -6.00
N GLU A 167 -1.23 -50.52 -6.95
CA GLU A 167 -1.48 -51.92 -6.63
C GLU A 167 -1.42 -52.83 -7.86
N ASN A 168 -0.76 -52.43 -8.94
CA ASN A 168 -0.48 -53.32 -10.05
C ASN A 168 0.91 -53.92 -9.82
N ASP A 169 0.98 -55.26 -9.82
CA ASP A 169 2.24 -55.92 -9.52
C ASP A 169 3.31 -55.64 -10.57
N ALA A 170 2.90 -55.28 -11.79
CA ALA A 170 3.87 -54.95 -12.83
C ALA A 170 4.76 -53.77 -12.43
N ASN A 171 4.29 -52.91 -11.51
CA ASN A 171 5.12 -51.85 -10.95
C ASN A 171 6.38 -52.45 -10.36
N TRP A 172 6.26 -53.17 -9.24
CA TRP A 172 7.46 -53.72 -8.61
C TRP A 172 8.10 -54.83 -9.42
N GLN A 173 7.33 -55.54 -10.25
CA GLN A 173 7.93 -56.56 -11.09
C GLN A 173 8.88 -55.98 -12.14
N SER A 174 8.75 -54.70 -12.50
CA SER A 174 9.68 -54.14 -13.47
C SER A 174 11.10 -54.06 -12.92
N HIS A 175 11.23 -53.93 -11.60
CA HIS A 175 12.58 -53.89 -11.01
C HIS A 175 13.12 -55.29 -10.77
N VAL A 176 12.24 -56.29 -10.63
CA VAL A 176 12.72 -57.68 -10.70
C VAL A 176 13.25 -57.98 -12.10
N LYS A 177 12.65 -57.35 -13.11
CA LYS A 177 13.02 -57.63 -14.50
C LYS A 177 14.31 -56.90 -14.90
N TRP A 178 14.49 -55.65 -14.46
CA TRP A 178 15.58 -54.81 -14.95
C TRP A 178 16.50 -54.35 -13.85
N THR A 179 16.04 -53.48 -12.92
CA THR A 179 16.93 -52.81 -11.99
C THR A 179 17.70 -53.81 -11.12
N GLY A 180 17.01 -54.82 -10.60
CA GLY A 180 17.63 -55.84 -9.77
C GLY A 180 18.73 -56.60 -10.48
N PRO A 181 18.37 -57.30 -11.56
CA PRO A 181 19.40 -58.03 -12.34
C PRO A 181 20.55 -57.15 -12.79
N GLN A 182 20.29 -55.89 -13.14
CA GLN A 182 21.39 -55.01 -13.55
C GLN A 182 22.36 -54.78 -12.40
N ILE A 183 21.86 -54.33 -11.24
CA ILE A 183 22.72 -54.08 -10.09
C ILE A 183 23.47 -55.34 -9.70
N HIS A 184 22.78 -56.48 -9.67
CA HIS A 184 23.45 -57.74 -9.33
C HIS A 184 24.62 -58.02 -10.28
N GLU A 185 24.43 -57.75 -11.57
CA GLU A 185 25.50 -58.01 -12.53
C GLU A 185 26.57 -56.91 -12.49
N GLN A 186 26.17 -55.67 -12.22
CA GLN A 186 27.14 -54.58 -12.09
C GLN A 186 27.93 -54.67 -10.80
N LEU A 187 27.41 -55.37 -9.80
CA LEU A 187 28.02 -55.41 -8.47
C LEU A 187 27.75 -56.78 -7.87
N PRO A 188 28.50 -57.80 -8.27
CA PRO A 188 28.22 -59.16 -7.77
C PRO A 188 28.53 -59.35 -6.30
N SER A 189 29.51 -58.62 -5.75
CA SER A 189 29.81 -58.70 -4.33
C SER A 189 28.81 -57.94 -3.45
N ILE A 190 27.68 -57.49 -4.00
CA ILE A 190 26.74 -56.67 -3.25
C ILE A 190 26.33 -57.36 -1.96
N ARG A 191 26.26 -56.57 -0.88
CA ARG A 191 25.83 -57.07 0.42
C ARG A 191 24.57 -56.38 0.95
N LEU A 192 24.15 -55.27 0.35
CA LEU A 192 23.01 -54.50 0.84
C LEU A 192 22.44 -53.65 -0.29
N ILE A 193 21.10 -53.59 -0.36
CA ILE A 193 20.39 -52.83 -1.38
C ILE A 193 19.40 -51.91 -0.69
N CYS A 194 19.41 -50.62 -1.06
CA CYS A 194 18.69 -49.58 -0.35
C CYS A 194 17.88 -48.72 -1.32
N ALA A 195 16.64 -48.42 -0.95
CA ALA A 195 15.74 -47.63 -1.78
C ALA A 195 14.63 -47.05 -0.93
N GLY A 196 14.25 -45.80 -1.22
CA GLY A 196 13.09 -45.21 -0.60
C GLY A 196 11.81 -45.83 -1.08
N MET A 197 10.73 -45.55 -0.35
CA MET A 197 9.44 -46.21 -0.60
C MET A 197 8.35 -45.15 -0.72
N GLY A 198 7.80 -45.01 -1.92
CA GLY A 198 6.62 -44.20 -2.14
C GLY A 198 5.42 -45.11 -2.37
N THR A 199 5.26 -45.61 -3.60
CA THR A 199 4.39 -46.75 -3.81
C THR A 199 5.01 -48.04 -3.28
N SER A 200 6.32 -48.02 -3.01
CA SER A 200 7.16 -49.12 -2.58
C SER A 200 7.49 -50.07 -3.71
N GLY A 201 7.09 -49.73 -4.95
CA GLY A 201 7.38 -50.61 -6.08
C GLY A 201 8.86 -50.84 -6.28
N THR A 202 9.66 -49.78 -6.14
CA THR A 202 11.11 -49.93 -6.37
C THR A 202 11.73 -50.83 -5.33
N MET A 203 11.39 -50.63 -4.05
CA MET A 203 11.98 -51.44 -2.99
C MET A 203 11.40 -52.86 -2.98
N THR A 204 10.09 -52.98 -3.18
CA THR A 204 9.49 -54.31 -3.29
C THR A 204 10.14 -55.10 -4.41
N GLY A 205 10.37 -54.46 -5.55
CA GLY A 205 11.00 -55.15 -6.67
C GLY A 205 12.43 -55.57 -6.37
N LEU A 206 13.22 -54.66 -5.81
CA LEU A 206 14.61 -55.01 -5.48
C LEU A 206 14.67 -56.06 -4.39
N GLY A 207 13.79 -55.96 -3.39
CA GLY A 207 13.83 -56.90 -2.29
C GLY A 207 13.31 -58.28 -2.67
N GLN A 208 12.24 -58.32 -3.48
CA GLN A 208 11.74 -59.60 -3.97
C GLN A 208 12.77 -60.28 -4.87
N TYR A 209 13.49 -59.49 -5.68
CA TYR A 209 14.49 -60.09 -6.56
C TYR A 209 15.68 -60.64 -5.77
N PHE A 210 16.23 -59.81 -4.89
CA PHE A 210 17.42 -60.23 -4.15
C PHE A 210 17.10 -61.24 -3.06
N LYS A 211 15.83 -61.36 -2.66
CA LYS A 211 15.47 -62.37 -1.67
C LYS A 211 15.89 -63.76 -2.12
N THR A 212 15.71 -64.06 -3.41
CA THR A 212 16.08 -65.35 -3.96
C THR A 212 17.35 -65.33 -4.79
N ALA A 213 17.62 -64.25 -5.54
CA ALA A 213 18.79 -64.23 -6.42
C ALA A 213 20.09 -64.16 -5.64
N LYS A 214 20.06 -63.54 -4.46
CA LYS A 214 21.22 -63.56 -3.56
C LYS A 214 20.70 -63.33 -2.16
N PRO A 215 20.32 -64.39 -1.45
CA PRO A 215 19.61 -64.22 -0.18
C PRO A 215 20.42 -63.52 0.90
N SER A 216 21.75 -63.46 0.78
CA SER A 216 22.57 -62.90 1.83
C SER A 216 22.59 -61.37 1.84
N VAL A 217 22.08 -60.71 0.80
CA VAL A 217 22.12 -59.25 0.76
C VAL A 217 21.03 -58.70 1.67
N PHE A 218 21.41 -57.71 2.50
CA PHE A 218 20.47 -57.05 3.38
C PHE A 218 19.63 -56.07 2.59
N ARG A 219 18.35 -55.95 2.97
CA ARG A 219 17.41 -55.13 2.21
C ARG A 219 16.91 -54.00 3.13
N LEU A 220 17.27 -52.76 2.80
CA LEU A 220 17.09 -51.61 3.68
C LEU A 220 16.16 -50.58 3.04
N GLY A 221 14.91 -50.51 3.52
CA GLY A 221 13.97 -49.53 3.05
C GLY A 221 14.05 -48.20 3.80
N VAL A 222 13.62 -47.14 3.14
CA VAL A 222 13.66 -45.79 3.72
C VAL A 222 12.28 -45.15 3.56
N CYS A 223 11.76 -44.61 4.66
CA CYS A 223 10.47 -43.94 4.70
C CYS A 223 10.64 -42.52 5.23
N THR A 224 9.63 -41.69 4.98
CA THR A 224 9.68 -40.30 5.41
C THR A 224 9.37 -40.21 6.90
N ALA A 225 10.23 -39.51 7.63
CA ALA A 225 10.00 -39.27 9.05
C ALA A 225 8.66 -38.59 9.26
N ALA A 226 7.90 -39.08 10.25
CA ALA A 226 6.56 -38.57 10.52
C ALA A 226 6.58 -37.05 10.68
N GLY A 227 5.55 -36.39 10.15
CA GLY A 227 5.44 -34.95 10.18
C GLY A 227 6.20 -34.23 9.09
N ASP A 228 7.13 -34.91 8.41
CA ASP A 228 7.96 -34.30 7.38
C ASP A 228 7.44 -34.71 5.99
N ARG A 229 8.02 -34.10 4.97
CA ARG A 229 7.59 -34.32 3.59
C ARG A 229 8.80 -34.28 2.67
N VAL A 230 8.91 -35.28 1.80
CA VAL A 230 9.98 -35.37 0.81
C VAL A 230 9.34 -35.74 -0.53
N PRO A 231 9.76 -35.15 -1.65
CA PRO A 231 9.13 -35.51 -2.94
C PRO A 231 9.58 -36.88 -3.39
N GLY A 232 8.61 -37.78 -3.57
CA GLY A 232 8.88 -39.15 -3.94
C GLY A 232 8.38 -40.15 -2.92
N PRO A 233 9.14 -40.31 -1.82
CA PRO A 233 8.77 -41.33 -0.81
C PRO A 233 7.52 -40.98 0.00
N ARG A 234 7.10 -41.93 0.84
CA ARG A 234 6.02 -41.76 1.79
C ARG A 234 6.51 -42.08 3.20
N SER A 235 5.77 -41.58 4.18
CA SER A 235 5.99 -41.97 5.57
C SER A 235 5.53 -43.39 5.81
N LEU A 236 6.03 -43.99 6.89
CA LEU A 236 5.63 -45.35 7.22
C LEU A 236 4.12 -45.44 7.41
N ALA A 237 3.54 -44.47 8.10
CA ALA A 237 2.09 -44.45 8.30
C ALA A 237 1.34 -44.39 6.97
N LEU A 238 1.77 -43.50 6.08
CA LEU A 238 1.10 -43.36 4.79
C LEU A 238 1.37 -44.54 3.86
N LEU A 239 2.29 -45.44 4.22
CA LEU A 239 2.65 -46.57 3.39
C LEU A 239 1.92 -47.85 3.78
N SER A 240 1.39 -47.94 5.00
CA SER A 240 0.79 -49.18 5.46
C SER A 240 -0.40 -49.69 4.62
N PRO A 241 -1.27 -48.85 4.04
CA PRO A 241 -2.41 -49.41 3.30
C PRO A 241 -2.08 -50.05 1.96
N VAL A 242 -0.91 -49.81 1.37
CA VAL A 242 -0.63 -50.42 0.07
C VAL A 242 -0.38 -51.93 0.28
N GLU A 243 -0.81 -52.72 -0.70
CA GLU A 243 -0.84 -54.16 -0.57
C GLU A 243 0.30 -54.85 -1.31
N PHE A 244 1.28 -54.11 -1.82
CA PHE A 244 2.48 -54.74 -2.33
C PHE A 244 3.17 -55.47 -1.17
N PRO A 245 3.83 -56.60 -1.45
CA PRO A 245 4.52 -57.32 -0.37
C PRO A 245 5.80 -56.62 0.07
N TRP A 246 5.68 -55.36 0.48
CA TRP A 246 6.89 -54.60 0.79
C TRP A 246 7.50 -55.02 2.12
N ARG A 247 6.68 -55.37 3.11
CA ARG A 247 7.20 -55.89 4.37
C ARG A 247 8.05 -57.13 4.14
N ASP A 248 7.64 -57.99 3.21
CA ASP A 248 8.43 -59.16 2.86
C ASP A 248 9.66 -58.80 2.03
N SER A 249 9.79 -57.55 1.59
CA SER A 249 10.90 -57.15 0.73
C SER A 249 12.00 -56.41 1.46
N VAL A 250 11.77 -56.04 2.73
CA VAL A 250 12.75 -55.30 3.51
C VAL A 250 13.10 -56.11 4.76
N ASP A 251 14.34 -55.93 5.20
CA ASP A 251 14.81 -56.49 6.46
C ASP A 251 14.91 -55.44 7.56
N ALA A 252 14.90 -54.16 7.18
CA ALA A 252 14.83 -53.05 8.11
C ALA A 252 14.35 -51.83 7.33
N ILE A 253 13.83 -50.84 8.06
CA ILE A 253 13.30 -49.62 7.47
C ILE A 253 13.81 -48.44 8.28
N GLU A 254 14.46 -47.49 7.61
CA GLU A 254 14.90 -46.25 8.24
C GLU A 254 13.89 -45.14 7.95
N GLU A 255 13.91 -44.12 8.80
CA GLU A 255 13.11 -42.92 8.64
C GLU A 255 14.04 -41.72 8.55
N VAL A 256 13.80 -40.85 7.58
CA VAL A 256 14.72 -39.77 7.24
C VAL A 256 13.93 -38.48 7.07
N GLY A 257 14.51 -37.35 7.51
CA GLY A 257 13.88 -36.06 7.33
C GLY A 257 14.27 -35.39 6.01
N SER A 258 13.56 -34.31 5.70
CA SER A 258 13.73 -33.62 4.43
C SER A 258 15.01 -32.79 4.41
N LYS A 259 15.39 -32.19 5.54
CA LYS A 259 16.60 -31.38 5.57
C LYS A 259 17.82 -32.22 5.21
N ASP A 260 17.96 -33.40 5.84
CA ASP A 260 19.07 -34.29 5.51
C ASP A 260 19.00 -34.74 4.05
N ALA A 261 17.79 -35.00 3.55
CA ALA A 261 17.63 -35.45 2.17
C ALA A 261 18.16 -34.41 1.18
N PHE A 262 17.75 -33.15 1.34
CA PHE A 262 18.20 -32.11 0.42
C PHE A 262 19.69 -31.83 0.59
N THR A 263 20.20 -31.90 1.83
CA THR A 263 21.62 -31.66 2.05
C THR A 263 22.48 -32.68 1.33
N LEU A 264 22.12 -33.97 1.45
CA LEU A 264 22.90 -35.02 0.81
C LEU A 264 22.72 -35.00 -0.70
N SER A 265 21.49 -34.75 -1.17
CA SER A 265 21.25 -34.59 -2.60
C SER A 265 22.12 -33.47 -3.18
N LEU A 266 22.24 -32.36 -2.45
CA LEU A 266 23.08 -31.25 -2.90
C LEU A 266 24.55 -31.65 -2.93
N LYS A 267 25.00 -32.44 -1.96
CA LYS A 267 26.40 -32.86 -1.95
C LYS A 267 26.69 -33.84 -3.07
N LEU A 268 25.75 -34.74 -3.36
CA LEU A 268 25.93 -35.68 -4.47
C LEU A 268 26.04 -34.93 -5.80
N CYS A 269 25.23 -33.89 -5.98
CA CYS A 269 25.30 -33.12 -7.21
C CYS A 269 26.66 -32.46 -7.36
N ARG A 270 27.16 -31.82 -6.31
CA ARG A 270 28.46 -31.16 -6.38
C ARG A 270 29.61 -32.14 -6.54
N GLU A 271 29.39 -33.43 -6.23
CA GLU A 271 30.38 -34.45 -6.51
C GLU A 271 30.35 -34.92 -7.96
N GLY A 272 29.26 -34.68 -8.67
CA GLY A 272 29.10 -35.14 -10.04
C GLY A 272 27.98 -36.14 -10.23
N LEU A 273 27.35 -36.62 -9.15
CA LEU A 273 26.20 -37.53 -9.27
C LEU A 273 24.94 -36.69 -9.13
N ILE A 274 24.53 -36.14 -10.28
CA ILE A 274 23.40 -35.22 -10.32
C ILE A 274 22.13 -36.02 -10.08
N CYS A 275 21.44 -35.73 -8.97
CA CYS A 275 20.27 -36.49 -8.52
C CYS A 275 19.48 -35.65 -7.53
N GLY A 276 18.19 -35.94 -7.45
CA GLY A 276 17.27 -35.11 -6.70
C GLY A 276 17.17 -35.45 -5.22
N PRO A 277 16.16 -34.87 -4.56
CA PRO A 277 16.07 -34.99 -3.09
C PRO A 277 15.83 -36.39 -2.59
N SER A 278 15.02 -37.20 -3.27
CA SER A 278 14.79 -38.56 -2.84
C SER A 278 16.06 -39.40 -2.94
N SER A 279 17.02 -39.00 -3.77
CA SER A 279 18.29 -39.71 -3.82
C SER A 279 19.10 -39.47 -2.56
N GLY A 280 19.22 -38.21 -2.13
CA GLY A 280 19.84 -37.93 -0.85
C GLY A 280 19.06 -38.51 0.32
N PHE A 281 17.75 -38.66 0.14
CA PHE A 281 16.90 -39.31 1.12
C PHE A 281 17.26 -40.79 1.29
N ASN A 282 17.49 -41.48 0.17
CA ASN A 282 17.91 -42.88 0.23
C ASN A 282 19.31 -43.03 0.82
N LEU A 283 20.24 -42.16 0.41
CA LEU A 283 21.59 -42.26 0.93
C LEU A 283 21.65 -41.97 2.43
N GLN A 284 20.81 -41.05 2.90
CA GLN A 284 20.80 -40.75 4.33
C GLN A 284 20.28 -41.92 5.15
N GLY A 285 19.27 -42.62 4.64
CA GLY A 285 18.82 -43.84 5.30
C GLY A 285 19.93 -44.88 5.39
N LEU A 286 20.70 -45.03 4.31
CA LEU A 286 21.82 -45.96 4.35
C LEU A 286 22.88 -45.51 5.34
N PHE A 287 23.18 -44.21 5.37
CA PHE A 287 24.12 -43.69 6.36
C PHE A 287 23.63 -43.97 7.78
N ASN A 288 22.34 -43.74 8.05
CA ASN A 288 21.81 -43.94 9.38
C ASN A 288 21.89 -45.39 9.81
N TYR A 289 21.57 -46.32 8.90
CA TYR A 289 21.66 -47.73 9.25
C TYR A 289 23.11 -48.16 9.45
N LEU A 290 24.02 -47.69 8.58
CA LEU A 290 25.42 -48.05 8.73
C LEU A 290 26.02 -47.44 9.99
N GLY A 291 25.56 -46.24 10.36
CA GLY A 291 26.02 -45.63 11.60
C GLY A 291 25.48 -46.33 12.82
N ARG A 292 24.33 -46.98 12.70
CA ARG A 292 23.77 -47.75 13.80
C ARG A 292 24.61 -48.99 14.08
N LEU A 293 25.03 -49.69 13.02
CA LEU A 293 25.85 -50.87 13.20
C LEU A 293 27.28 -50.53 13.57
N LYS A 294 27.77 -49.39 13.10
CA LYS A 294 29.12 -49.00 13.47
C LYS A 294 29.20 -48.65 14.95
N ALA A 295 28.22 -47.92 15.46
CA ALA A 295 28.22 -47.58 16.89
C ALA A 295 28.00 -48.82 17.75
N ALA A 296 27.24 -49.79 17.25
CA ALA A 296 27.03 -51.05 17.97
C ALA A 296 28.13 -52.07 17.69
N GLY A 297 29.05 -51.78 16.78
CA GLY A 297 30.14 -52.69 16.51
C GLY A 297 29.75 -53.95 15.77
N THR A 298 28.61 -53.89 15.10
CA THR A 298 28.07 -55.00 14.31
C THR A 298 28.24 -54.78 12.80
N LEU A 299 29.03 -53.77 12.44
CA LEU A 299 29.28 -53.40 11.05
C LEU A 299 29.96 -54.52 10.24
N SER A 300 30.84 -55.24 10.91
CA SER A 300 31.60 -56.32 10.28
C SER A 300 30.73 -57.45 9.73
N SER A 301 29.62 -57.75 10.40
CA SER A 301 28.75 -58.84 9.96
C SER A 301 28.18 -58.71 8.54
N LEU A 302 27.75 -57.52 8.16
CA LEU A 302 27.21 -57.35 6.81
C LEU A 302 28.17 -57.80 5.71
N ALA A 303 29.46 -57.92 6.03
CA ALA A 303 30.49 -58.15 5.03
C ALA A 303 30.42 -59.53 4.40
N GLY A 304 31.56 -60.21 4.35
CA GLY A 304 31.62 -61.59 3.93
C GLY A 304 32.91 -62.19 4.44
N PRO A 305 33.50 -63.11 3.66
CA PRO A 305 34.90 -63.47 3.91
C PRO A 305 35.87 -62.37 3.54
N TYR A 306 35.49 -61.47 2.63
CA TYR A 306 36.24 -60.26 2.36
C TYR A 306 35.87 -59.20 3.38
N GLY A 307 36.81 -58.29 3.65
CA GLY A 307 36.57 -57.20 4.58
C GLY A 307 35.63 -56.13 4.06
N ILE A 308 35.41 -56.06 2.75
CA ILE A 308 34.62 -54.97 2.18
C ILE A 308 33.13 -55.27 2.26
N ILE A 309 32.34 -54.21 2.26
CA ILE A 309 30.87 -54.28 2.28
C ILE A 309 30.36 -53.38 1.15
N ASP A 310 29.84 -53.99 0.09
CA ASP A 310 29.36 -53.25 -1.08
C ASP A 310 27.86 -53.01 -0.96
N CYS A 311 27.47 -51.74 -0.85
CA CYS A 311 26.08 -51.34 -0.76
C CYS A 311 25.69 -50.55 -2.02
N ALA A 312 24.46 -50.77 -2.49
CA ALA A 312 23.90 -50.02 -3.62
C ALA A 312 22.63 -49.32 -3.18
N PHE A 313 22.46 -48.07 -3.60
CA PHE A 313 21.25 -47.32 -3.33
C PHE A 313 20.75 -46.68 -4.62
N ILE A 314 19.46 -46.41 -4.65
CA ILE A 314 18.80 -45.90 -5.85
C ILE A 314 18.87 -44.38 -5.89
N CYS A 315 19.21 -43.83 -7.06
CA CYS A 315 19.06 -42.40 -7.32
C CYS A 315 17.93 -42.22 -8.34
N CYS A 316 16.85 -41.56 -7.92
CA CYS A 316 15.55 -41.68 -8.58
C CYS A 316 15.34 -40.70 -9.73
N ASP A 317 15.65 -39.42 -9.53
CA ASP A 317 15.40 -38.42 -10.56
C ASP A 317 16.44 -37.30 -10.41
N LEU A 318 16.24 -36.22 -11.19
CA LEU A 318 17.15 -35.09 -11.26
C LEU A 318 16.69 -33.97 -10.33
N PRO A 319 17.61 -33.09 -9.91
CA PRO A 319 17.25 -32.02 -8.97
C PRO A 319 16.62 -30.79 -9.59
N TYR A 320 16.75 -30.59 -10.91
CA TYR A 320 16.36 -29.32 -11.52
C TYR A 320 14.92 -28.88 -11.21
N PRO A 321 13.91 -29.74 -11.18
CA PRO A 321 12.55 -29.26 -10.81
C PRO A 321 12.44 -28.79 -9.37
N TYR A 322 13.39 -29.12 -8.51
CA TYR A 322 13.29 -28.86 -7.08
C TYR A 322 14.24 -27.77 -6.60
N VAL A 323 14.95 -27.09 -7.52
CA VAL A 323 16.02 -26.18 -7.12
C VAL A 323 15.53 -25.16 -6.09
N ASP A 324 14.32 -24.63 -6.29
CA ASP A 324 13.76 -23.66 -5.35
C ASP A 324 13.74 -24.20 -3.92
N GLU A 325 13.33 -25.46 -3.75
CA GLU A 325 13.18 -26.00 -2.39
C GLU A 325 14.51 -26.08 -1.66
N TYR A 326 15.62 -26.36 -2.36
CA TYR A 326 16.91 -26.43 -1.69
C TYR A 326 17.23 -25.12 -0.98
N PHE A 327 16.82 -23.99 -1.56
CA PHE A 327 17.07 -22.70 -0.92
C PHE A 327 16.19 -22.52 0.30
N ASP A 328 14.91 -22.92 0.21
CA ASP A 328 14.02 -22.83 1.35
C ASP A 328 14.43 -23.77 2.47
N LYS A 329 14.78 -25.02 2.13
CA LYS A 329 15.06 -26.03 3.16
C LYS A 329 16.43 -25.83 3.81
N LEU A 330 17.44 -25.40 3.05
CA LEU A 330 18.78 -25.23 3.57
C LEU A 330 19.06 -23.77 3.86
N GLY A 331 20.14 -23.53 4.61
CA GLY A 331 20.45 -22.19 5.07
C GLY A 331 21.03 -21.32 3.98
N ASP A 332 21.40 -20.10 4.40
CA ASP A 332 22.12 -19.21 3.48
C ASP A 332 23.54 -19.69 3.23
N ASN A 333 24.14 -20.37 4.21
CA ASN A 333 25.37 -21.10 3.94
C ASN A 333 25.07 -22.30 3.05
N ALA A 334 26.12 -23.04 2.72
CA ALA A 334 26.17 -24.06 1.68
C ALA A 334 25.92 -23.47 0.29
N PHE A 335 25.71 -22.16 0.17
CA PHE A 335 25.64 -21.47 -1.11
C PHE A 335 26.56 -20.24 -1.08
N HIS A 336 27.32 -20.03 -2.14
CA HIS A 336 28.01 -18.76 -2.19
C HIS A 336 27.02 -17.66 -2.53
N PRO A 337 27.12 -16.50 -1.88
CA PRO A 337 26.24 -15.38 -2.24
C PRO A 337 26.66 -14.78 -3.57
N ILE A 338 25.67 -14.21 -4.26
CA ILE A 338 25.93 -13.48 -5.50
C ILE A 338 26.57 -12.15 -5.15
N ARG A 339 27.83 -11.97 -5.53
CA ARG A 339 28.48 -10.68 -5.35
C ARG A 339 28.19 -9.78 -6.54
N ASN A 340 28.21 -8.47 -6.30
CA ASN A 340 27.60 -7.47 -7.20
C ASN A 340 26.11 -7.75 -7.39
N GLN A 341 25.47 -8.26 -6.33
CA GLN A 341 24.05 -8.63 -6.39
C GLN A 341 23.18 -7.43 -6.72
N ASN A 342 23.60 -6.23 -6.30
CA ASN A 342 22.84 -5.01 -6.59
C ASN A 342 22.64 -4.80 -8.08
N LEU A 343 23.53 -5.35 -8.92
CA LEU A 343 23.39 -5.19 -10.36
C LEU A 343 22.23 -5.99 -10.93
N ALA A 344 21.72 -6.98 -10.20
CA ALA A 344 20.61 -7.78 -10.70
C ALA A 344 19.34 -6.95 -10.89
N ALA A 345 19.23 -5.81 -10.22
CA ALA A 345 18.05 -4.97 -10.30
C ALA A 345 18.25 -3.72 -11.14
N VAL A 346 19.46 -3.50 -11.67
CA VAL A 346 19.74 -2.35 -12.52
C VAL A 346 20.38 -2.84 -13.82
N ASP A 347 20.50 -1.93 -14.78
CA ASP A 347 21.07 -2.21 -16.10
C ASP A 347 20.37 -3.40 -16.74
N LEU A 348 19.03 -3.32 -16.79
CA LEU A 348 18.21 -4.46 -17.15
C LEU A 348 18.14 -4.70 -18.66
N TYR A 349 18.69 -3.81 -19.48
CA TYR A 349 18.38 -3.80 -20.89
C TYR A 349 19.62 -4.10 -21.73
N ARG A 350 19.38 -4.46 -22.98
CA ARG A 350 20.42 -4.97 -23.85
C ARG A 350 21.37 -3.86 -24.31
N TYR A 351 22.52 -4.29 -24.82
CA TYR A 351 23.49 -3.43 -25.46
C TYR A 351 23.77 -3.95 -26.86
N ASP A 352 24.29 -3.06 -27.71
CA ASP A 352 24.60 -3.40 -29.08
C ASP A 352 25.83 -2.60 -29.49
N GLU A 353 26.85 -3.29 -30.00
CA GLU A 353 28.09 -2.59 -30.36
C GLU A 353 27.83 -1.57 -31.46
N ALA A 354 26.84 -1.81 -32.32
CA ALA A 354 26.51 -0.85 -33.35
C ALA A 354 26.07 0.50 -32.78
N TRP A 355 25.57 0.53 -31.54
CA TRP A 355 25.20 1.80 -30.93
C TRP A 355 26.40 2.65 -30.57
N GLU A 356 27.57 2.05 -30.34
CA GLU A 356 28.76 2.81 -29.97
C GLU A 356 29.54 3.14 -31.23
N LEU A 357 29.73 4.44 -31.48
CA LEU A 357 30.28 4.93 -32.73
C LEU A 357 31.61 5.63 -32.52
N GLU A 358 32.49 5.47 -33.50
CA GLU A 358 33.75 6.22 -33.51
C GLU A 358 33.44 7.73 -33.59
N PRO A 359 34.21 8.58 -32.90
CA PRO A 359 33.83 9.99 -32.81
C PRO A 359 33.63 10.67 -34.15
N SER A 360 34.47 10.34 -35.13
CA SER A 360 34.34 10.98 -36.44
C SER A 360 33.07 10.55 -37.16
N SER A 361 32.72 9.27 -37.04
CA SER A 361 31.47 8.80 -37.64
C SER A 361 30.25 9.39 -36.95
N ALA A 362 30.35 9.63 -35.64
CA ALA A 362 29.20 10.17 -34.90
C ALA A 362 28.98 11.64 -35.24
N LEU A 363 30.04 12.44 -35.18
CA LEU A 363 29.92 13.85 -35.53
C LEU A 363 29.58 14.06 -36.99
N SER A 364 29.96 13.10 -37.85
CA SER A 364 29.58 13.18 -39.26
C SER A 364 28.09 12.99 -39.44
N HIS A 365 27.52 11.96 -38.80
CA HIS A 365 26.08 11.72 -38.90
C HIS A 365 25.29 12.89 -38.32
N PHE A 366 25.78 13.48 -37.24
CA PHE A 366 25.04 14.56 -36.58
C PHE A 366 24.92 15.79 -37.49
N THR A 367 26.05 16.25 -38.03
CA THR A 367 26.01 17.43 -38.89
C THR A 367 25.57 17.11 -40.31
N SER A 368 25.48 15.83 -40.67
CA SER A 368 24.84 15.44 -41.93
C SER A 368 23.36 15.81 -41.92
N SER A 369 22.62 15.16 -41.04
CA SER A 369 21.18 15.40 -40.92
C SER A 369 20.89 16.77 -40.35
N THR A 370 19.78 17.37 -40.77
CA THR A 370 19.42 18.68 -40.26
C THR A 370 19.21 18.55 -38.76
N HIS A 371 19.77 19.48 -38.00
CA HIS A 371 19.65 19.45 -36.55
C HIS A 371 18.26 19.75 -36.02
N GLY A 372 17.87 19.01 -34.98
CA GLY A 372 16.61 19.21 -34.32
C GLY A 372 15.38 18.71 -35.05
N VAL A 373 15.54 18.04 -36.19
CA VAL A 373 14.40 17.45 -36.89
C VAL A 373 14.70 16.00 -37.21
N GLU A 374 15.97 15.67 -37.45
CA GLU A 374 16.39 14.30 -37.71
C GLU A 374 17.39 13.77 -36.71
N ALA A 375 18.19 14.63 -36.09
CA ALA A 375 19.20 14.19 -35.15
C ALA A 375 19.40 15.24 -34.07
N VAL A 376 19.68 14.78 -32.86
CA VAL A 376 20.06 15.65 -31.75
C VAL A 376 21.28 15.04 -31.09
N LEU A 377 22.05 15.89 -30.42
CA LEU A 377 23.21 15.45 -29.66
C LEU A 377 23.00 15.88 -28.21
N LEU A 378 22.96 14.91 -27.31
CA LEU A 378 22.87 15.18 -25.89
C LEU A 378 24.27 15.17 -25.28
N ASP A 379 24.59 16.21 -24.53
CA ASP A 379 25.88 16.36 -23.87
C ASP A 379 25.62 16.29 -22.37
N LEU A 380 26.06 15.20 -21.73
CA LEU A 380 25.74 14.92 -20.35
C LEU A 380 26.69 15.56 -19.35
N ARG A 381 27.55 16.47 -19.80
CA ARG A 381 28.54 17.05 -18.90
C ARG A 381 27.91 18.12 -18.01
N LYS A 382 28.68 18.52 -17.00
CA LYS A 382 28.23 19.58 -16.10
C LYS A 382 28.05 20.88 -16.86
N PRO A 383 27.08 21.72 -16.47
CA PRO A 383 26.73 22.89 -17.30
C PRO A 383 27.88 23.87 -17.48
N GLU A 384 28.79 23.97 -16.51
CA GLU A 384 29.89 24.93 -16.65
C GLU A 384 30.98 24.43 -17.58
N ASP A 385 31.10 23.12 -17.78
CA ASP A 385 31.97 22.61 -18.84
C ASP A 385 31.30 22.72 -20.19
N PHE A 386 29.99 22.48 -20.24
CA PHE A 386 29.27 22.55 -21.51
C PHE A 386 29.35 23.96 -22.08
N ILE A 387 29.25 24.95 -21.22
CA ILE A 387 29.33 26.35 -21.63
C ILE A 387 30.69 26.70 -22.24
N MET A 388 31.76 26.16 -21.64
CA MET A 388 33.11 26.44 -22.11
C MET A 388 33.37 25.95 -23.53
N SER A 389 32.87 24.76 -23.86
CA SER A 389 33.05 24.20 -25.20
C SER A 389 32.09 23.04 -25.38
N HIS A 390 31.38 23.04 -26.50
CA HIS A 390 30.47 21.95 -26.85
C HIS A 390 30.27 21.94 -28.35
N ILE A 391 29.75 20.82 -28.85
CA ILE A 391 29.40 20.70 -30.26
C ILE A 391 28.24 21.65 -30.52
N PRO A 392 28.39 22.60 -31.46
CA PRO A 392 27.28 23.52 -31.76
C PRO A 392 26.00 22.78 -32.14
N GLY A 393 24.89 23.19 -31.53
CA GLY A 393 23.60 22.61 -31.80
C GLY A 393 23.20 21.49 -30.86
N SER A 394 24.04 21.13 -29.90
CA SER A 394 23.77 20.04 -28.96
C SER A 394 23.08 20.57 -27.70
N TYR A 395 22.37 19.68 -27.02
CA TYR A 395 21.66 20.00 -25.78
C TYR A 395 22.43 19.50 -24.58
N ASN A 396 22.36 20.24 -23.48
CA ASN A 396 23.05 19.89 -22.25
C ASN A 396 22.05 19.31 -21.26
N LEU A 397 22.20 18.02 -20.94
CA LEU A 397 21.42 17.32 -19.93
C LEU A 397 22.37 16.80 -18.86
N PRO A 398 22.61 17.56 -17.80
CA PRO A 398 23.63 17.16 -16.82
C PRO A 398 23.22 15.95 -16.01
N LEU A 399 24.22 15.16 -15.63
CA LEU A 399 24.06 14.05 -14.71
C LEU A 399 24.87 14.32 -13.45
N GLN A 400 24.22 14.21 -12.29
CA GLN A 400 24.94 14.41 -11.04
C GLN A 400 25.90 13.26 -10.77
N SER A 401 25.49 12.04 -11.08
CA SER A 401 26.31 10.86 -10.84
C SER A 401 27.51 10.75 -11.78
N SER A 402 27.62 11.63 -12.79
CA SER A 402 28.72 11.57 -13.73
C SER A 402 29.44 12.90 -13.80
N ASN A 403 30.76 12.85 -13.74
CA ASN A 403 31.62 14.01 -13.92
C ASN A 403 32.99 13.53 -14.37
N ALA A 404 33.90 14.48 -14.57
CA ALA A 404 35.21 14.17 -15.13
C ALA A 404 36.05 13.25 -14.25
N SER A 405 35.66 13.03 -13.00
CA SER A 405 36.40 12.15 -12.11
C SER A 405 35.85 10.74 -12.05
N THR A 406 34.55 10.56 -12.27
CA THR A 406 33.92 9.26 -12.11
C THR A 406 34.60 8.21 -12.99
N PRO A 407 34.85 7.00 -12.46
CA PRO A 407 35.50 5.97 -13.28
C PRO A 407 34.50 5.30 -14.21
N SER A 408 34.93 4.28 -14.93
CA SER A 408 34.02 3.55 -15.79
C SER A 408 32.94 2.90 -14.94
N PRO A 409 31.67 3.05 -15.30
CA PRO A 409 30.61 2.32 -14.57
C PRO A 409 30.78 0.81 -14.63
N PHE A 410 31.51 0.30 -15.61
CA PHE A 410 31.77 -1.13 -15.74
C PHE A 410 33.01 -1.57 -14.97
N THR A 411 33.59 -0.68 -14.15
CA THR A 411 34.64 -1.05 -13.22
C THR A 411 34.21 -0.93 -11.77
N ASP A 412 33.08 -0.28 -11.50
CA ASP A 412 32.54 -0.14 -10.15
C ASP A 412 31.03 -0.33 -10.22
N ALA A 413 30.52 -1.32 -9.48
CA ALA A 413 29.10 -1.65 -9.57
C ALA A 413 28.22 -0.56 -8.97
N MET A 414 28.71 0.16 -7.96
CA MET A 414 27.91 1.22 -7.35
C MET A 414 27.75 2.39 -8.31
N VAL A 415 28.79 2.71 -9.08
CA VAL A 415 28.68 3.77 -10.08
C VAL A 415 27.65 3.38 -11.14
N LEU A 416 27.69 2.13 -11.60
CA LEU A 416 26.73 1.68 -12.60
C LEU A 416 25.30 1.79 -12.07
N GLU A 417 25.08 1.40 -10.82
CA GLU A 417 23.74 1.50 -10.23
C GLU A 417 23.29 2.96 -10.14
N LYS A 418 24.13 3.83 -9.58
CA LYS A 418 23.76 5.24 -9.47
C LYS A 418 23.50 5.86 -10.84
N GLN A 419 24.39 5.60 -11.81
CA GLN A 419 24.26 6.25 -13.10
C GLN A 419 23.09 5.69 -13.90
N TRP A 420 22.88 4.37 -13.85
CA TRP A 420 21.73 3.79 -14.52
C TRP A 420 20.43 4.29 -13.92
N LYS A 421 20.39 4.42 -12.58
CA LYS A 421 19.18 4.92 -11.93
C LYS A 421 18.91 6.37 -12.31
N GLU A 422 19.95 7.22 -12.28
CA GLU A 422 19.73 8.62 -12.63
C GLU A 422 19.35 8.77 -14.10
N LEU A 423 19.98 8.00 -14.98
CA LEU A 423 19.60 8.02 -16.39
C LEU A 423 18.16 7.57 -16.57
N GLU A 424 17.75 6.53 -15.83
CA GLU A 424 16.37 6.08 -15.90
C GLU A 424 15.42 7.14 -15.35
N ALA A 425 15.83 7.83 -14.28
CA ALA A 425 15.04 8.90 -13.70
C ALA A 425 15.11 10.19 -14.51
N THR A 426 16.18 10.38 -15.29
CA THR A 426 16.26 11.56 -16.15
C THR A 426 15.29 11.45 -17.32
N PHE A 427 15.28 10.31 -18.00
CA PHE A 427 14.52 10.17 -19.24
C PHE A 427 13.10 9.69 -18.94
N THR A 428 12.34 10.59 -18.31
CA THR A 428 10.91 10.44 -18.20
C THR A 428 10.24 10.73 -19.54
N LEU A 429 8.98 10.32 -19.66
CA LEU A 429 8.26 10.55 -20.91
C LEU A 429 8.18 12.03 -21.24
N ASP A 430 8.16 12.90 -20.23
CA ASP A 430 8.14 14.34 -20.50
C ASP A 430 9.49 14.80 -21.07
N ARG A 431 10.58 14.24 -20.54
CA ARG A 431 11.92 14.58 -21.00
C ARG A 431 12.10 14.21 -22.47
N ILE A 432 11.63 13.02 -22.85
CA ILE A 432 11.68 12.60 -24.25
C ILE A 432 10.93 13.61 -25.11
N ASN A 433 9.78 14.09 -24.65
CA ASN A 433 9.01 15.05 -25.43
C ASN A 433 9.53 16.48 -25.26
N ALA A 434 10.15 16.78 -24.11
CA ALA A 434 10.70 18.12 -23.90
C ALA A 434 11.83 18.42 -24.88
N HIS A 435 12.61 17.41 -25.26
CA HIS A 435 13.64 17.56 -26.28
C HIS A 435 13.22 16.95 -27.61
N ASP A 436 12.01 16.42 -27.70
CA ASP A 436 11.46 15.85 -28.93
C ASP A 436 12.38 14.76 -29.50
N LEU A 437 12.81 13.86 -28.62
CA LEU A 437 13.73 12.80 -29.02
C LEU A 437 13.08 11.75 -29.92
N SER A 438 11.75 11.65 -29.90
CA SER A 438 11.07 10.58 -30.62
C SER A 438 11.27 10.70 -32.12
N GLY A 439 11.63 9.57 -32.75
CA GLY A 439 11.83 9.53 -34.19
C GLY A 439 13.14 10.12 -34.67
N LYS A 440 14.01 10.56 -33.75
CA LYS A 440 15.27 11.18 -34.10
C LYS A 440 16.44 10.26 -33.76
N ASP A 441 17.49 10.37 -34.57
CA ASP A 441 18.77 9.80 -34.19
C ASP A 441 19.35 10.61 -33.03
N VAL A 442 19.75 9.92 -31.97
CA VAL A 442 20.21 10.59 -30.75
C VAL A 442 21.64 10.16 -30.50
N TYR A 443 22.52 11.14 -30.26
CA TYR A 443 23.93 10.89 -30.04
C TYR A 443 24.30 11.41 -28.66
N ILE A 444 25.07 10.63 -27.91
CA ILE A 444 25.33 10.89 -26.50
C ILE A 444 26.82 11.14 -26.31
N LEU A 445 27.15 12.27 -25.69
CA LEU A 445 28.53 12.65 -25.41
C LEU A 445 28.66 12.87 -23.92
N CYS A 446 29.69 12.30 -23.32
CA CYS A 446 29.90 12.41 -21.88
C CYS A 446 31.40 12.49 -21.63
N TYR A 447 31.75 12.78 -20.37
CA TYR A 447 33.14 12.65 -19.96
C TYR A 447 33.67 11.26 -20.27
N ASN A 448 32.86 10.24 -20.04
CA ASN A 448 33.33 8.85 -20.07
C ASN A 448 33.19 8.23 -21.45
N GLY A 449 31.97 7.98 -21.89
CA GLY A 449 31.74 7.16 -23.07
C GLY A 449 31.12 5.85 -22.63
N ASP A 450 31.65 5.29 -21.54
CA ASP A 450 30.98 4.16 -20.90
C ASP A 450 29.64 4.59 -20.31
N THR A 451 29.63 5.71 -19.58
CA THR A 451 28.37 6.28 -19.12
C THR A 451 27.43 6.53 -20.28
N ALA A 452 27.96 7.08 -21.37
CA ALA A 452 27.13 7.36 -22.53
C ALA A 452 26.57 6.08 -23.14
N ARG A 453 27.34 4.99 -23.08
CA ARG A 453 26.75 3.74 -23.57
C ARG A 453 25.65 3.23 -22.67
N VAL A 454 25.80 3.39 -21.35
CA VAL A 454 24.69 3.08 -20.45
C VAL A 454 23.46 3.89 -20.84
N ALA A 455 23.67 5.16 -21.21
CA ALA A 455 22.55 6.01 -21.60
C ALA A 455 21.87 5.48 -22.86
N THR A 456 22.64 4.88 -23.77
CA THR A 456 22.02 4.34 -24.98
C THR A 456 21.22 3.09 -24.69
N SER A 457 21.69 2.26 -23.76
CA SER A 457 20.88 1.12 -23.32
C SER A 457 19.54 1.58 -22.74
N VAL A 458 19.57 2.65 -21.95
CA VAL A 458 18.34 3.13 -21.31
C VAL A 458 17.38 3.71 -22.34
N LEU A 459 17.91 4.50 -23.29
CA LEU A 459 17.04 5.20 -24.22
C LEU A 459 16.47 4.25 -25.27
N ARG A 460 17.26 3.27 -25.73
CA ARG A 460 16.74 2.35 -26.73
C ARG A 460 15.75 1.37 -26.13
N ALA A 461 15.87 1.06 -24.84
CA ALA A 461 14.81 0.35 -24.14
C ALA A 461 13.51 1.15 -24.11
N LYS A 462 13.59 2.48 -24.21
CA LYS A 462 12.41 3.32 -24.28
C LYS A 462 12.02 3.65 -25.72
N GLY A 463 12.63 2.99 -26.70
CA GLY A 463 12.30 3.19 -28.09
C GLY A 463 13.02 4.32 -28.79
N ILE A 464 13.97 4.97 -28.12
CA ILE A 464 14.71 6.08 -28.69
C ILE A 464 15.97 5.57 -29.37
N SER A 465 16.20 5.99 -30.61
CA SER A 465 17.31 5.48 -31.42
C SER A 465 18.59 6.21 -31.05
N ALA A 466 19.19 5.79 -29.94
CA ALA A 466 20.32 6.50 -29.34
C ALA A 466 21.64 5.78 -29.63
N SER A 467 22.67 6.57 -29.91
CA SER A 467 24.03 6.07 -30.10
C SER A 467 24.98 6.89 -29.24
N SER A 468 26.14 6.32 -28.92
CA SER A 468 27.10 6.96 -28.04
C SER A 468 28.37 7.31 -28.79
N VAL A 469 29.01 8.40 -28.36
CA VAL A 469 30.29 8.83 -28.90
C VAL A 469 31.39 8.09 -28.14
N LYS A 470 32.00 7.09 -28.78
CA LYS A 470 33.02 6.31 -28.11
C LYS A 470 34.21 7.20 -27.74
N GLY A 471 34.74 6.98 -26.54
CA GLY A 471 35.87 7.74 -26.05
C GLY A 471 35.51 8.99 -25.29
N GLY A 472 34.27 9.44 -25.34
CA GLY A 472 33.85 10.59 -24.56
C GLY A 472 34.31 11.90 -25.16
N ILE A 473 34.27 12.94 -24.33
CA ILE A 473 34.67 14.27 -24.76
C ILE A 473 36.18 14.32 -25.03
N ALA A 474 36.95 13.44 -24.40
CA ALA A 474 38.40 13.42 -24.63
C ALA A 474 38.74 13.07 -26.07
N ALA A 475 37.90 12.27 -26.72
CA ALA A 475 38.15 11.84 -28.09
C ALA A 475 37.80 12.90 -29.13
N VAL A 476 37.14 13.99 -28.73
CA VAL A 476 36.79 15.06 -29.66
C VAL A 476 37.43 16.38 -29.25
N ARG A 477 38.44 16.34 -28.37
CA ARG A 477 39.13 17.56 -27.97
C ARG A 477 39.79 18.25 -29.16
N LYS A 478 40.28 17.46 -30.13
CA LYS A 478 40.93 18.04 -31.30
C LYS A 478 39.95 18.76 -32.22
N ASP A 479 38.66 18.48 -32.10
CA ASP A 479 37.65 19.13 -32.94
C ASP A 479 37.06 20.37 -32.29
N LEU A 480 37.57 20.79 -31.14
CA LEU A 480 36.94 21.86 -30.35
C LEU A 480 37.94 22.99 -30.14
N PRO A 481 37.96 23.97 -31.05
CA PRO A 481 38.92 25.09 -30.89
C PRO A 481 38.82 25.79 -29.56
N GLN A 482 37.61 26.13 -29.11
CA GLN A 482 37.44 26.83 -27.84
C GLN A 482 38.01 26.04 -26.68
N MET A 483 37.85 24.71 -26.70
CA MET A 483 38.43 23.90 -25.63
C MET A 483 39.95 23.89 -25.71
N GLN A 484 40.51 23.83 -26.92
CA GLN A 484 41.96 23.87 -27.08
C GLN A 484 42.52 25.20 -26.62
N MET A 485 41.81 26.30 -26.88
CA MET A 485 42.31 27.61 -26.50
C MET A 485 42.25 27.85 -25.00
N ALA A 486 41.29 27.23 -24.31
CA ALA A 486 41.17 27.44 -22.87
C ALA A 486 42.35 26.81 -22.12
N GLU A 487 43.00 25.81 -22.71
CA GLU A 487 44.07 25.09 -22.06
C GLU A 487 45.43 25.80 -22.14
N ARG A 488 45.48 27.02 -22.65
CA ARG A 488 46.75 27.75 -22.78
C ARG A 488 47.45 27.95 -21.44
N PRO B 3 -35.35 56.98 14.09
CA PRO B 3 -33.93 56.83 13.80
C PRO B 3 -33.44 55.39 13.96
N ARG B 4 -33.08 54.99 15.18
CA ARG B 4 -32.64 53.64 15.47
C ARG B 4 -33.79 52.81 16.03
N ASN B 5 -33.70 51.50 15.81
CA ASN B 5 -34.75 50.57 16.22
C ASN B 5 -34.62 50.31 17.72
N LEU B 6 -35.53 50.88 18.52
CA LEU B 6 -35.47 50.75 19.96
C LEU B 6 -35.63 49.29 20.39
N LEU B 7 -36.63 48.62 19.85
CA LEU B 7 -36.97 47.27 20.29
C LEU B 7 -36.20 46.20 19.54
N ASN B 8 -35.35 46.57 18.59
CA ASN B 8 -34.62 45.61 17.76
C ASN B 8 -35.59 44.64 17.09
N ALA B 9 -36.67 45.19 16.54
CA ALA B 9 -37.73 44.43 15.89
C ALA B 9 -37.97 45.03 14.52
N TYR B 10 -37.94 44.19 13.50
CA TYR B 10 -37.98 44.62 12.11
C TYR B 10 -39.10 43.88 11.41
N ALA B 11 -40.05 44.63 10.85
CA ALA B 11 -41.21 44.04 10.18
C ALA B 11 -41.47 44.78 8.88
N GLY B 12 -42.34 44.20 8.07
CA GLY B 12 -42.71 44.79 6.80
C GLY B 12 -41.88 44.29 5.65
N PRO B 13 -42.15 44.76 4.44
CA PRO B 13 -41.40 44.29 3.27
C PRO B 13 -39.92 44.65 3.31
N ASN B 14 -39.52 45.65 4.11
CA ASN B 14 -38.13 46.08 4.18
C ASN B 14 -37.46 45.65 5.49
N ALA B 15 -38.00 44.64 6.16
CA ALA B 15 -37.43 44.20 7.44
C ALA B 15 -35.95 43.82 7.30
N LEU B 16 -35.60 43.07 6.27
CA LEU B 16 -34.22 42.65 6.09
C LEU B 16 -33.32 43.82 5.71
N ARG B 17 -33.83 44.73 4.88
CA ARG B 17 -33.07 45.93 4.54
C ARG B 17 -32.72 46.72 5.80
N ASP B 18 -33.72 46.98 6.64
CA ASP B 18 -33.47 47.72 7.88
C ASP B 18 -32.63 46.92 8.86
N TYR B 19 -32.74 45.59 8.83
CA TYR B 19 -31.94 44.77 9.72
C TYR B 19 -30.46 44.95 9.45
N PHE B 20 -30.07 44.99 8.17
CA PHE B 20 -28.68 45.18 7.80
C PHE B 20 -28.23 46.63 7.83
N ASP B 21 -29.17 47.58 7.94
CA ASP B 21 -28.84 49.00 7.93
C ASP B 21 -28.10 49.38 9.20
N PRO B 22 -26.85 49.83 9.11
CA PRO B 22 -26.11 50.24 10.31
C PRO B 22 -26.72 51.43 11.03
N ASP B 23 -27.46 52.29 10.32
CA ASP B 23 -28.10 53.43 10.96
C ASP B 23 -29.39 53.05 11.67
N CYS B 24 -30.07 52.01 11.19
CA CYS B 24 -31.33 51.56 11.77
C CYS B 24 -31.12 50.51 12.87
N GLN B 25 -30.14 49.63 12.69
CA GLN B 25 -29.82 48.63 13.71
C GLN B 25 -28.97 49.25 14.83
N PRO B 26 -29.10 48.76 16.07
CA PRO B 26 -28.30 49.29 17.17
C PRO B 26 -26.82 49.40 16.77
N MET B 27 -26.09 50.24 17.51
CA MET B 27 -24.67 50.41 17.21
C MET B 27 -23.93 49.10 17.45
N ILE B 28 -22.95 48.83 16.59
CA ILE B 28 -22.13 47.61 16.73
C ILE B 28 -21.47 47.62 18.11
N PRO B 29 -21.54 46.53 18.87
CA PRO B 29 -21.06 46.55 20.25
C PRO B 29 -19.59 46.94 20.37
N LEU B 30 -19.28 47.72 21.40
CA LEU B 30 -17.92 48.05 21.80
C LEU B 30 -17.75 47.60 23.24
N VAL B 31 -16.80 46.69 23.46
CA VAL B 31 -16.65 46.01 24.75
C VAL B 31 -15.20 46.11 25.20
N GLU B 32 -14.99 46.57 26.43
CA GLU B 32 -13.65 46.59 27.01
C GLU B 32 -13.21 45.15 27.30
N ILE B 33 -11.98 44.82 26.93
CA ILE B 33 -11.45 43.48 27.14
C ILE B 33 -11.09 43.34 28.62
N PRO B 34 -11.03 42.13 29.16
CA PRO B 34 -10.73 41.97 30.59
C PRO B 34 -9.29 42.32 30.91
N GLN B 35 -9.09 42.68 32.19
CA GLN B 35 -7.74 43.02 32.66
C GLN B 35 -6.77 41.86 32.52
N SER B 36 -7.26 40.63 32.67
CA SER B 36 -6.39 39.46 32.55
C SER B 36 -5.80 39.33 31.15
N LEU B 37 -6.49 39.85 30.14
CA LEU B 37 -6.02 39.81 28.77
C LEU B 37 -5.26 41.06 28.37
N ASN B 38 -5.27 42.09 29.22
CA ASN B 38 -4.68 43.39 28.94
C ASN B 38 -3.41 43.59 29.78
N PRO B 39 -2.23 43.31 29.24
CA PRO B 39 -1.00 43.43 30.04
C PRO B 39 -0.61 44.87 30.36
N PHE B 40 -1.36 45.86 29.89
CA PHE B 40 -1.08 47.27 30.17
C PHE B 40 -2.15 47.90 31.07
N TYR B 41 -2.89 47.09 31.82
CA TYR B 41 -3.98 47.63 32.62
C TYR B 41 -3.46 48.52 33.75
N GLU B 42 -2.37 48.12 34.40
CA GLU B 42 -1.81 48.93 35.48
C GLU B 42 -1.22 50.23 34.96
N ASP B 43 -0.80 50.24 33.69
CA ASP B 43 -0.30 51.46 33.06
C ASP B 43 -1.40 52.43 32.68
N GLY B 44 -2.66 52.11 32.97
CA GLY B 44 -3.76 52.98 32.67
C GLY B 44 -4.40 52.76 31.31
N VAL B 45 -4.07 51.68 30.61
CA VAL B 45 -4.60 51.41 29.28
C VAL B 45 -5.90 50.62 29.42
N ARG B 46 -6.94 51.11 28.77
CA ARG B 46 -8.23 50.41 28.67
C ARG B 46 -8.50 50.15 27.20
N ILE B 47 -8.59 48.88 26.83
CA ILE B 47 -8.71 48.47 25.43
C ILE B 47 -10.14 48.01 25.17
N HIS B 48 -10.76 48.55 24.13
CA HIS B 48 -12.14 48.28 23.80
C HIS B 48 -12.22 47.65 22.41
N ALA B 49 -12.96 46.55 22.31
CA ALA B 49 -13.07 45.80 21.06
C ALA B 49 -14.39 46.14 20.36
N LYS B 50 -14.30 46.60 19.12
CA LYS B 50 -15.46 46.89 18.28
C LYS B 50 -15.84 45.61 17.54
N MET B 51 -16.90 44.95 18.01
CA MET B 51 -17.25 43.60 17.57
C MET B 51 -18.03 43.63 16.26
N MET B 52 -17.34 44.04 15.19
CA MET B 52 -17.94 44.06 13.85
C MET B 52 -18.51 42.70 13.48
N SER B 53 -17.97 41.63 14.05
CA SER B 53 -18.50 40.28 13.88
C SER B 53 -19.93 40.15 14.37
N MET B 54 -20.45 41.13 15.10
CA MET B 54 -21.80 41.07 15.64
C MET B 54 -22.84 41.73 14.73
N HIS B 55 -22.44 42.25 13.58
CA HIS B 55 -23.40 42.60 12.56
C HIS B 55 -24.07 41.31 12.06
N PRO B 56 -25.35 41.38 11.65
CA PRO B 56 -26.04 40.17 11.17
C PRO B 56 -25.30 39.43 10.05
N SER B 57 -24.41 40.13 9.34
CA SER B 57 -23.59 39.50 8.31
C SER B 57 -22.35 38.82 8.88
N ASN B 58 -21.97 39.17 10.11
CA ASN B 58 -20.86 38.58 10.85
C ASN B 58 -19.48 39.01 10.36
N ASN B 59 -19.36 40.05 9.54
CA ASN B 59 -18.03 40.54 9.23
C ASN B 59 -18.04 42.03 8.90
N VAL B 60 -16.86 42.65 9.11
CA VAL B 60 -16.66 44.08 8.93
C VAL B 60 -16.89 44.52 7.49
N LYS B 61 -16.73 43.62 6.52
CA LYS B 61 -16.82 44.03 5.14
C LYS B 61 -18.25 44.31 4.69
N ILE B 62 -19.25 44.11 5.56
CA ILE B 62 -20.61 44.51 5.20
C ILE B 62 -20.69 46.01 4.97
N MET B 63 -19.83 46.80 5.64
CA MET B 63 -19.90 48.26 5.47
C MET B 63 -19.46 48.67 4.08
N PRO B 64 -18.30 48.26 3.55
CA PRO B 64 -18.00 48.57 2.14
C PRO B 64 -19.03 47.99 1.19
N ALA B 65 -19.45 46.74 1.40
CA ALA B 65 -20.40 46.10 0.50
C ALA B 65 -21.69 46.90 0.39
N LEU B 66 -22.25 47.32 1.53
CA LEU B 66 -23.45 48.16 1.52
C LEU B 66 -23.20 49.44 0.74
N ASN B 67 -22.16 50.18 1.13
CA ASN B 67 -21.91 51.51 0.57
C ASN B 67 -21.58 51.43 -0.91
N MET B 68 -20.80 50.42 -1.32
CA MET B 68 -20.41 50.29 -2.72
C MET B 68 -21.60 49.94 -3.59
N LEU B 69 -22.42 48.97 -3.16
CA LEU B 69 -23.50 48.49 -4.02
C LEU B 69 -24.56 49.57 -4.23
N THR B 70 -24.92 50.31 -3.18
CA THR B 70 -25.89 51.40 -3.37
C THR B 70 -25.33 52.47 -4.29
N LYS B 71 -24.00 52.68 -4.27
CA LYS B 71 -23.39 53.69 -5.13
C LYS B 71 -23.35 53.22 -6.59
N GLU B 72 -22.93 51.98 -6.82
CA GLU B 72 -22.59 51.51 -8.16
C GLU B 72 -23.72 50.77 -8.88
N VAL B 73 -24.68 50.20 -8.15
CA VAL B 73 -25.73 49.42 -8.80
C VAL B 73 -26.62 50.33 -9.64
N GLN B 74 -26.84 49.95 -10.90
CA GLN B 74 -27.82 50.62 -11.74
C GLN B 74 -29.06 49.75 -11.84
N PRO B 75 -30.22 50.23 -11.37
CA PRO B 75 -31.34 49.30 -11.09
C PRO B 75 -31.79 48.46 -12.29
N GLU B 76 -31.91 49.05 -13.48
CA GLU B 76 -32.47 48.28 -14.58
C GLU B 76 -31.44 47.32 -15.20
N LYS B 77 -30.20 47.77 -15.35
CA LYS B 77 -29.22 47.01 -16.12
C LYS B 77 -28.31 46.11 -15.29
N SER B 78 -28.01 46.48 -14.05
CA SER B 78 -27.07 45.69 -13.24
C SER B 78 -27.71 44.34 -12.89
N LYS B 79 -27.19 43.27 -13.50
CA LYS B 79 -27.70 41.92 -13.27
C LYS B 79 -26.68 40.96 -12.67
N THR B 80 -25.38 41.25 -12.74
CA THR B 80 -24.36 40.34 -12.25
C THR B 80 -23.29 41.12 -11.49
N VAL B 81 -22.90 40.61 -10.33
CA VAL B 81 -21.84 41.20 -9.50
C VAL B 81 -20.66 40.25 -9.49
N ILE B 82 -19.46 40.80 -9.67
CA ILE B 82 -18.21 40.04 -9.71
C ILE B 82 -17.20 40.76 -8.82
N GLU B 83 -16.42 40.00 -8.06
CA GLU B 83 -15.45 40.59 -7.15
C GLU B 83 -14.37 39.57 -6.80
N TYR B 84 -13.12 40.02 -6.78
CA TYR B 84 -12.05 39.25 -6.18
C TYR B 84 -12.01 39.53 -4.69
N SER B 85 -11.84 38.47 -3.90
CA SER B 85 -11.91 38.61 -2.45
C SER B 85 -11.24 37.41 -1.79
N SER B 86 -10.84 37.61 -0.53
CA SER B 86 -10.34 36.53 0.31
C SER B 86 -11.45 35.84 1.09
N GLY B 87 -12.70 36.26 0.91
CA GLY B 87 -13.81 35.59 1.55
C GLY B 87 -14.89 36.51 2.08
N SER B 88 -14.52 37.43 2.97
CA SER B 88 -15.51 38.22 3.68
C SER B 88 -16.32 39.09 2.73
N THR B 89 -15.65 39.78 1.81
CA THR B 89 -16.35 40.75 0.97
C THR B 89 -17.39 40.08 0.09
N VAL B 90 -17.06 38.92 -0.49
CA VAL B 90 -18.00 38.29 -1.43
C VAL B 90 -19.19 37.70 -0.71
N ILE B 91 -19.01 37.24 0.54
CA ILE B 91 -20.17 36.87 1.35
C ILE B 91 -21.04 38.11 1.61
N SER B 92 -20.41 39.22 1.97
CA SER B 92 -21.17 40.43 2.24
C SER B 92 -21.80 40.98 0.96
N LEU B 93 -21.10 40.89 -0.16
CA LEU B 93 -21.69 41.29 -1.42
C LEU B 93 -22.86 40.39 -1.80
N ALA B 94 -22.76 39.09 -1.51
CA ALA B 94 -23.83 38.17 -1.84
C ALA B 94 -25.10 38.49 -1.07
N LEU B 95 -24.96 38.86 0.21
CA LEU B 95 -26.13 39.17 1.03
C LEU B 95 -26.76 40.49 0.60
N VAL B 96 -25.93 41.54 0.47
CA VAL B 96 -26.46 42.85 0.14
C VAL B 96 -27.01 42.89 -1.28
N SER B 97 -26.40 42.16 -2.20
CA SER B 97 -26.92 42.15 -3.57
C SER B 97 -28.33 41.59 -3.61
N ARG B 98 -28.65 40.64 -2.74
CA ARG B 98 -30.00 40.11 -2.73
C ARG B 98 -30.96 40.97 -1.91
N ILE B 99 -30.50 41.47 -0.76
CA ILE B 99 -31.40 42.18 0.15
C ILE B 99 -31.78 43.54 -0.44
N ASN B 100 -30.80 44.29 -0.94
CA ASN B 100 -31.05 45.66 -1.39
C ASN B 100 -31.33 45.77 -2.88
N HIS B 101 -30.83 44.85 -3.70
CA HIS B 101 -30.84 45.04 -5.14
C HIS B 101 -31.42 43.87 -5.94
N GLY B 102 -31.88 42.81 -5.29
CA GLY B 102 -32.51 41.71 -6.01
C GLY B 102 -31.60 40.99 -6.99
N ILE B 103 -30.30 40.99 -6.74
CA ILE B 103 -29.32 40.37 -7.61
C ILE B 103 -28.86 39.07 -6.96
N ASN B 104 -29.08 37.94 -7.65
CA ASN B 104 -28.68 36.63 -7.15
C ASN B 104 -27.46 36.07 -7.87
N ASP B 105 -27.06 36.65 -8.99
CA ASP B 105 -25.89 36.20 -9.76
C ASP B 105 -24.67 36.94 -9.21
N VAL B 106 -24.01 36.33 -8.23
CA VAL B 106 -22.82 36.88 -7.60
C VAL B 106 -21.67 35.89 -7.82
N ARG B 107 -20.63 36.35 -8.52
CA ARG B 107 -19.50 35.51 -8.89
C ARG B 107 -18.27 35.95 -8.11
N ALA B 108 -17.69 35.04 -7.35
CA ALA B 108 -16.57 35.32 -6.46
C ALA B 108 -15.29 34.76 -7.07
N PHE B 109 -14.29 35.61 -7.22
CA PHE B 109 -12.98 35.20 -7.70
C PHE B 109 -12.06 35.08 -6.49
N LEU B 110 -11.52 33.88 -6.28
CA LEU B 110 -10.70 33.60 -5.10
C LEU B 110 -9.43 32.87 -5.49
N SER B 111 -8.40 33.03 -4.67
CA SER B 111 -7.17 32.28 -4.82
C SER B 111 -7.43 30.79 -4.75
N ASN B 112 -6.64 30.02 -5.50
CA ASN B 112 -6.68 28.57 -5.38
C ASN B 112 -6.11 28.09 -4.05
N LYS B 113 -5.41 28.96 -3.33
CA LYS B 113 -4.79 28.64 -2.05
C LYS B 113 -5.60 29.12 -0.85
N THR B 114 -6.92 29.25 -1.01
CA THR B 114 -7.80 29.48 0.11
C THR B 114 -8.24 28.13 0.66
N SER B 115 -8.39 28.05 1.98
CA SER B 115 -8.62 26.76 2.62
C SER B 115 -9.90 26.11 2.12
N ALA B 116 -9.96 24.79 2.25
CA ALA B 116 -11.15 24.06 1.82
C ALA B 116 -12.39 24.43 2.64
N PRO B 117 -12.34 24.54 3.97
CA PRO B 117 -13.54 25.02 4.68
C PRO B 117 -14.01 26.37 4.21
N LYS B 118 -13.09 27.32 3.95
CA LYS B 118 -13.50 28.63 3.48
C LYS B 118 -14.13 28.54 2.09
N LEU B 119 -13.56 27.70 1.22
CA LEU B 119 -14.15 27.52 -0.11
C LEU B 119 -15.56 26.95 -0.01
N ARG B 120 -15.76 25.99 0.88
CA ARG B 120 -17.11 25.46 1.07
C ARG B 120 -18.06 26.51 1.65
N LEU B 121 -17.54 27.45 2.44
CA LEU B 121 -18.40 28.49 2.98
C LEU B 121 -18.87 29.43 1.87
N MET B 122 -18.01 29.71 0.88
CA MET B 122 -18.44 30.52 -0.26
C MET B 122 -19.60 29.85 -0.98
N GLN B 123 -19.46 28.57 -1.29
CA GLN B 123 -20.54 27.82 -1.92
C GLN B 123 -21.80 27.84 -1.06
N PHE B 124 -21.62 27.67 0.26
CA PHE B 124 -22.77 27.67 1.17
C PHE B 124 -23.61 28.94 0.98
N PHE B 125 -22.97 30.10 0.95
CA PHE B 125 -23.70 31.34 0.82
C PHE B 125 -24.16 31.62 -0.62
N GLY B 126 -24.13 30.63 -1.50
CA GLY B 126 -24.64 30.77 -2.84
C GLY B 126 -23.73 31.46 -3.82
N LEU B 127 -22.45 31.61 -3.51
CA LEU B 127 -21.52 32.25 -4.43
C LEU B 127 -21.13 31.29 -5.55
N ASP B 128 -20.88 31.86 -6.72
CA ASP B 128 -20.31 31.14 -7.85
C ASP B 128 -18.83 31.48 -7.90
N VAL B 129 -17.97 30.52 -7.55
CA VAL B 129 -16.57 30.83 -7.33
C VAL B 129 -15.71 30.27 -8.46
N THR B 130 -14.67 31.02 -8.79
CA THR B 130 -13.63 30.62 -9.74
C THR B 130 -12.29 30.77 -9.06
N LEU B 131 -11.43 29.76 -9.18
CA LEU B 131 -10.13 29.77 -8.54
C LEU B 131 -9.07 30.37 -9.45
N PHE B 132 -8.12 31.09 -8.85
CA PHE B 132 -7.05 31.75 -9.58
C PHE B 132 -5.71 31.34 -8.98
N GLY B 133 -4.79 30.93 -9.84
CA GLY B 133 -3.44 30.62 -9.41
C GLY B 133 -2.65 31.88 -9.14
N GLY B 134 -1.34 31.69 -8.97
CA GLY B 134 -0.44 32.78 -8.71
C GLY B 134 -0.59 33.34 -7.30
N PRO B 135 -0.18 34.58 -7.10
CA PRO B 135 -0.24 35.18 -5.77
C PRO B 135 -1.68 35.22 -5.26
N SER B 136 -1.88 34.77 -4.02
CA SER B 136 -3.21 34.81 -3.44
C SER B 136 -3.68 36.24 -3.19
N GLN B 137 -2.76 37.20 -3.09
CA GLN B 137 -3.08 38.61 -2.85
C GLN B 137 -2.41 39.43 -3.94
N PRO B 138 -2.97 39.43 -5.15
CA PRO B 138 -2.31 40.13 -6.26
C PRO B 138 -2.53 41.64 -6.19
N ALA B 139 -1.68 42.36 -6.91
CA ALA B 139 -1.90 43.78 -7.08
C ALA B 139 -3.11 44.01 -7.99
N PRO B 140 -3.88 45.08 -7.74
CA PRO B 140 -5.05 45.36 -8.58
C PRO B 140 -4.71 45.57 -10.04
N ASN B 141 -3.44 45.79 -10.38
CA ASN B 141 -3.00 45.95 -11.75
C ASN B 141 -2.26 44.74 -12.29
N ASP B 142 -2.02 43.72 -11.47
CA ASP B 142 -1.45 42.48 -11.98
C ASP B 142 -2.43 41.86 -12.98
N GLU B 143 -2.09 41.94 -14.26
CA GLU B 143 -3.01 41.48 -15.30
C GLU B 143 -3.25 39.98 -15.29
N ARG B 144 -2.45 39.23 -14.55
CA ARG B 144 -2.65 37.80 -14.38
C ARG B 144 -3.54 37.46 -13.20
N GLY B 145 -3.79 38.42 -12.29
CA GLY B 145 -4.54 38.17 -11.09
C GLY B 145 -6.03 38.44 -11.23
N GLY B 146 -6.79 37.97 -10.23
CA GLY B 146 -8.24 38.00 -10.31
C GLY B 146 -8.84 39.39 -10.17
N ILE B 147 -8.12 40.31 -9.53
CA ILE B 147 -8.64 41.66 -9.39
C ILE B 147 -8.75 42.34 -10.76
N TYR B 148 -7.71 42.19 -11.58
CA TYR B 148 -7.75 42.74 -12.94
C TYR B 148 -8.83 42.07 -13.77
N ARG B 149 -8.89 40.73 -13.73
CA ARG B 149 -9.89 40.02 -14.52
C ARG B 149 -11.30 40.44 -14.15
N ALA B 150 -11.55 40.68 -12.86
CA ALA B 150 -12.87 41.10 -12.42
C ALA B 150 -13.25 42.46 -12.99
N ARG B 151 -12.37 43.46 -12.86
CA ARG B 151 -12.71 44.79 -13.36
C ARG B 151 -12.77 44.82 -14.89
N MET B 152 -12.08 43.92 -15.57
CA MET B 152 -12.12 43.87 -17.03
C MET B 152 -13.35 43.12 -17.55
N MET B 153 -13.91 42.18 -16.78
CA MET B 153 -15.11 41.49 -17.22
C MET B 153 -16.35 42.36 -17.07
N ALA B 154 -16.35 43.30 -16.12
CA ALA B 154 -17.47 44.22 -15.96
C ALA B 154 -17.34 45.44 -16.86
N ARG B 155 -16.17 45.65 -17.45
CA ARG B 155 -15.96 46.78 -18.35
C ARG B 155 -16.45 46.46 -19.77
N GLU B 156 -16.46 45.18 -20.14
CA GLU B 156 -16.93 44.75 -21.45
C GLU B 156 -18.43 44.48 -21.49
N ASP B 157 -19.10 44.47 -20.35
CA ASP B 157 -20.51 44.11 -20.27
C ASP B 157 -21.19 45.00 -19.25
N GLU B 158 -22.24 45.70 -19.66
CA GLU B 158 -22.91 46.61 -18.73
C GLU B 158 -23.85 45.88 -17.77
N ALA B 159 -24.30 44.67 -18.12
CA ALA B 159 -25.06 43.86 -17.16
C ALA B 159 -24.17 43.34 -16.04
N ILE B 160 -22.85 43.37 -16.21
CA ILE B 160 -21.91 42.89 -15.21
C ILE B 160 -21.36 44.09 -14.44
N LEU B 161 -21.40 44.00 -13.11
CA LEU B 161 -20.92 45.07 -12.24
C LEU B 161 -19.77 44.54 -11.38
N ASN B 162 -18.67 45.30 -11.35
CA ASN B 162 -17.55 45.03 -10.46
C ASN B 162 -17.27 46.29 -9.66
N VAL B 163 -17.86 46.39 -8.46
CA VAL B 163 -17.32 47.34 -7.50
C VAL B 163 -15.89 46.90 -7.25
N ASP B 164 -15.03 47.83 -6.86
CA ASP B 164 -13.62 47.47 -6.78
C ASP B 164 -13.12 47.79 -5.38
N GLN B 165 -13.25 46.80 -4.47
CA GLN B 165 -12.93 47.05 -3.08
C GLN B 165 -11.50 47.53 -2.90
N TYR B 166 -10.61 47.16 -3.82
CA TYR B 166 -9.23 47.61 -3.80
C TYR B 166 -9.05 49.00 -4.36
N GLU B 167 -10.04 49.55 -5.08
CA GLU B 167 -9.86 50.83 -5.75
C GLU B 167 -11.06 51.75 -5.67
N ASN B 168 -12.17 51.33 -5.07
CA ASN B 168 -13.38 52.14 -4.98
C ASN B 168 -13.39 52.87 -3.64
N ASP B 169 -13.47 54.20 -3.69
CA ASP B 169 -13.41 55.00 -2.47
C ASP B 169 -14.59 54.75 -1.55
N ALA B 170 -15.71 54.24 -2.07
CA ALA B 170 -16.84 53.91 -1.22
C ALA B 170 -16.52 52.83 -0.20
N ASN B 171 -15.40 52.13 -0.37
CA ASN B 171 -14.89 51.20 0.64
C ASN B 171 -14.64 51.92 1.95
N TRP B 172 -13.62 52.77 1.96
CA TRP B 172 -13.21 53.38 3.21
C TRP B 172 -14.21 54.42 3.70
N GLN B 173 -14.92 55.08 2.77
CA GLN B 173 -15.93 56.06 3.17
C GLN B 173 -17.03 55.43 4.00
N SER B 174 -17.26 54.11 3.83
CA SER B 174 -18.27 53.45 4.65
C SER B 174 -17.92 53.51 6.13
N HIS B 175 -16.63 53.53 6.46
CA HIS B 175 -16.24 53.61 7.87
C HIS B 175 -16.12 55.05 8.37
N VAL B 176 -15.95 56.02 7.47
CA VAL B 176 -16.17 57.41 7.82
C VAL B 176 -17.65 57.63 8.12
N LYS B 177 -18.52 56.95 7.37
CA LYS B 177 -19.97 57.15 7.52
C LYS B 177 -20.51 56.44 8.75
N TRP B 178 -20.07 55.21 9.02
CA TRP B 178 -20.67 54.39 10.07
C TRP B 178 -19.70 54.05 11.20
N THR B 179 -18.60 53.35 10.89
CA THR B 179 -17.80 52.74 11.95
C THR B 179 -17.14 53.79 12.84
N GLY B 180 -16.52 54.81 12.23
CA GLY B 180 -15.90 55.88 12.97
C GLY B 180 -16.84 56.58 13.93
N PRO B 181 -17.90 57.20 13.41
CA PRO B 181 -18.86 57.89 14.29
C PRO B 181 -19.41 57.03 15.40
N GLN B 182 -19.60 55.73 15.16
CA GLN B 182 -20.09 54.86 16.23
C GLN B 182 -19.07 54.75 17.35
N ILE B 183 -17.80 54.52 17.00
CA ILE B 183 -16.76 54.39 18.02
C ILE B 183 -16.60 55.70 18.77
N HIS B 184 -16.73 56.83 18.07
CA HIS B 184 -16.58 58.13 18.71
C HIS B 184 -17.67 58.37 19.75
N GLU B 185 -18.92 58.06 19.40
CA GLU B 185 -20.02 58.23 20.35
C GLU B 185 -19.94 57.20 21.48
N GLN B 186 -19.52 55.98 21.16
CA GLN B 186 -19.42 54.94 22.19
C GLN B 186 -18.24 55.16 23.12
N LEU B 187 -17.19 55.83 22.63
CA LEU B 187 -15.97 56.04 23.40
C LEU B 187 -15.50 57.47 23.14
N PRO B 188 -16.16 58.46 23.75
CA PRO B 188 -15.75 59.85 23.54
C PRO B 188 -14.34 60.15 24.03
N SER B 189 -13.85 59.39 25.02
CA SER B 189 -12.50 59.54 25.54
C SER B 189 -11.47 58.75 24.73
N ILE B 190 -11.79 58.39 23.48
CA ILE B 190 -10.88 57.55 22.71
C ILE B 190 -9.58 58.28 22.47
N ARG B 191 -8.47 57.58 22.73
CA ARG B 191 -7.13 58.12 22.51
C ARG B 191 -6.37 57.40 21.42
N LEU B 192 -6.83 56.25 20.95
CA LEU B 192 -6.12 55.46 19.94
C LEU B 192 -7.10 54.55 19.24
N ILE B 193 -7.05 54.54 17.91
CA ILE B 193 -7.85 53.64 17.08
C ILE B 193 -6.90 52.72 16.32
N CYS B 194 -7.24 51.43 16.28
CA CYS B 194 -6.35 50.41 15.72
C CYS B 194 -7.12 49.47 14.81
N ALA B 195 -6.56 49.21 13.62
CA ALA B 195 -7.18 48.28 12.68
C ALA B 195 -6.12 47.73 11.74
N GLY B 196 -6.24 46.43 11.41
CA GLY B 196 -5.38 45.83 10.42
C GLY B 196 -5.78 46.22 9.00
N MET B 197 -4.82 46.10 8.09
CA MET B 197 -4.97 46.59 6.72
C MET B 197 -4.81 45.45 5.72
N GLY B 198 -5.90 45.14 5.03
CA GLY B 198 -5.87 44.30 3.84
C GLY B 198 -6.07 45.16 2.62
N THR B 199 -7.32 45.43 2.25
CA THR B 199 -7.56 46.50 1.28
C THR B 199 -7.26 47.87 1.86
N SER B 200 -7.10 47.96 3.20
CA SER B 200 -6.87 49.16 3.99
C SER B 200 -8.14 50.01 4.13
N GLY B 201 -9.26 49.63 3.49
CA GLY B 201 -10.47 50.43 3.58
C GLY B 201 -10.93 50.68 5.01
N THR B 202 -10.80 49.66 5.87
CA THR B 202 -11.23 49.84 7.26
C THR B 202 -10.35 50.86 7.98
N MET B 203 -9.03 50.72 7.86
CA MET B 203 -8.14 51.63 8.57
C MET B 203 -8.20 53.05 8.01
N THR B 204 -8.18 53.21 6.67
CA THR B 204 -8.18 54.57 6.15
C THR B 204 -9.49 55.27 6.46
N GLY B 205 -10.60 54.54 6.39
CA GLY B 205 -11.89 55.12 6.77
C GLY B 205 -11.88 55.62 8.20
N LEU B 206 -11.43 54.77 9.14
CA LEU B 206 -11.32 55.20 10.53
C LEU B 206 -10.32 56.33 10.68
N GLY B 207 -9.21 56.27 9.95
CA GLY B 207 -8.17 57.28 10.09
C GLY B 207 -8.52 58.60 9.45
N GLN B 208 -9.31 58.57 8.37
CA GLN B 208 -9.77 59.83 7.78
C GLN B 208 -10.84 60.47 8.65
N TYR B 209 -11.70 59.66 9.27
CA TYR B 209 -12.72 60.21 10.15
C TYR B 209 -12.10 60.86 11.37
N PHE B 210 -11.23 60.14 12.09
CA PHE B 210 -10.63 60.70 13.30
C PHE B 210 -9.61 61.78 13.00
N LYS B 211 -9.16 61.91 11.76
CA LYS B 211 -8.23 62.98 11.41
C LYS B 211 -8.83 64.35 11.71
N THR B 212 -10.15 64.48 11.62
CA THR B 212 -10.83 65.73 11.89
C THR B 212 -11.90 65.64 12.98
N ALA B 213 -12.36 64.44 13.33
CA ALA B 213 -13.34 64.31 14.41
C ALA B 213 -12.68 64.47 15.77
N LYS B 214 -11.47 63.95 15.94
CA LYS B 214 -10.70 64.11 17.17
C LYS B 214 -9.24 63.97 16.83
N PRO B 215 -8.58 65.04 16.39
CA PRO B 215 -7.21 64.94 15.87
C PRO B 215 -6.20 64.42 16.88
N SER B 216 -6.53 64.42 18.17
CA SER B 216 -5.60 63.89 19.16
C SER B 216 -5.53 62.37 19.14
N VAL B 217 -6.52 61.71 18.52
CA VAL B 217 -6.55 60.25 18.49
C VAL B 217 -5.38 59.72 17.67
N PHE B 218 -4.66 58.76 18.23
CA PHE B 218 -3.57 58.11 17.51
C PHE B 218 -4.14 57.00 16.64
N ARG B 219 -3.66 56.92 15.39
CA ARG B 219 -4.19 55.99 14.40
C ARG B 219 -3.12 54.96 14.07
N LEU B 220 -3.36 53.71 14.47
CA LEU B 220 -2.38 52.64 14.39
C LEU B 220 -2.89 51.54 13.46
N GLY B 221 -2.21 51.37 12.31
CA GLY B 221 -2.51 50.27 11.42
C GLY B 221 -1.59 49.08 11.61
N VAL B 222 -2.09 47.90 11.26
CA VAL B 222 -1.38 46.65 11.49
C VAL B 222 -1.26 45.89 10.16
N CYS B 223 -0.05 45.45 9.84
CA CYS B 223 0.23 44.66 8.65
C CYS B 223 0.86 43.34 9.03
N THR B 224 0.77 42.37 8.11
CA THR B 224 1.31 41.04 8.36
C THR B 224 2.82 41.06 8.16
N ALA B 225 3.54 40.44 9.08
CA ALA B 225 5.00 40.40 9.00
C ALA B 225 5.45 39.77 7.67
N ALA B 226 6.60 40.22 7.20
CA ALA B 226 7.14 39.73 5.93
C ALA B 226 7.29 38.21 5.95
N GLY B 227 6.80 37.57 4.89
CA GLY B 227 6.86 36.13 4.77
C GLY B 227 5.78 35.37 5.50
N ASP B 228 4.96 36.04 6.30
CA ASP B 228 3.91 35.37 7.05
C ASP B 228 2.57 35.52 6.31
N ARG B 229 1.53 34.95 6.89
CA ARG B 229 0.21 34.98 6.26
C ARG B 229 -0.86 34.85 7.33
N VAL B 230 -1.83 35.74 7.30
CA VAL B 230 -2.98 35.68 8.20
C VAL B 230 -4.21 36.09 7.39
N PRO B 231 -5.37 35.46 7.59
CA PRO B 231 -6.54 35.77 6.76
C PRO B 231 -7.12 37.14 7.07
N GLY B 232 -7.23 37.97 6.04
CA GLY B 232 -7.72 39.32 6.18
C GLY B 232 -6.71 40.34 5.70
N PRO B 233 -5.74 40.66 6.54
CA PRO B 233 -4.75 41.68 6.20
C PRO B 233 -3.80 41.19 5.12
N ARG B 234 -2.95 42.10 4.67
CA ARG B 234 -1.80 41.77 3.85
C ARG B 234 -0.57 42.43 4.45
N SER B 235 0.59 42.13 3.85
CA SER B 235 1.84 42.64 4.39
C SER B 235 2.05 44.08 3.95
N LEU B 236 3.08 44.70 4.54
CA LEU B 236 3.41 46.07 4.17
C LEU B 236 3.81 46.16 2.71
N ALA B 237 4.47 45.14 2.18
CA ALA B 237 4.86 45.16 0.76
C ALA B 237 3.64 45.04 -0.14
N LEU B 238 2.74 44.11 0.16
CA LEU B 238 1.52 43.93 -0.62
C LEU B 238 0.58 45.14 -0.54
N LEU B 239 0.86 46.09 0.35
CA LEU B 239 0.01 47.26 0.53
C LEU B 239 0.48 48.48 -0.25
N SER B 240 1.76 48.53 -0.62
CA SER B 240 2.30 49.71 -1.28
C SER B 240 1.56 50.12 -2.56
N PRO B 241 1.18 49.21 -3.47
CA PRO B 241 0.53 49.68 -4.71
C PRO B 241 -0.87 50.24 -4.52
N VAL B 242 -1.53 49.99 -3.38
CA VAL B 242 -2.90 50.47 -3.23
C VAL B 242 -2.91 51.99 -3.13
N GLU B 243 -3.95 52.60 -3.71
CA GLU B 243 -3.98 54.03 -3.92
C GLU B 243 -4.90 54.76 -2.95
N PHE B 244 -5.52 54.05 -2.03
CA PHE B 244 -6.28 54.71 -0.98
C PHE B 244 -5.35 55.58 -0.14
N PRO B 245 -5.87 56.66 0.44
CA PRO B 245 -5.01 57.54 1.25
C PRO B 245 -4.63 56.97 2.60
N TRP B 246 -4.17 55.71 2.65
CA TRP B 246 -3.87 55.10 3.94
C TRP B 246 -2.68 55.76 4.62
N ARG B 247 -1.74 56.30 3.84
CA ARG B 247 -0.60 56.96 4.44
C ARG B 247 -1.00 58.23 5.20
N ASP B 248 -2.15 58.81 4.86
CA ASP B 248 -2.69 59.96 5.59
C ASP B 248 -3.66 59.54 6.70
N SER B 249 -3.91 58.25 6.87
CA SER B 249 -4.87 57.78 7.85
C SER B 249 -4.22 57.03 9.01
N VAL B 250 -2.91 56.86 8.99
CA VAL B 250 -2.21 56.15 10.06
C VAL B 250 -1.05 57.01 10.55
N ASP B 251 -0.75 56.89 11.83
CA ASP B 251 0.39 57.55 12.45
C ASP B 251 1.55 56.60 12.70
N ALA B 252 1.32 55.28 12.67
CA ALA B 252 2.37 54.28 12.83
C ALA B 252 1.84 52.95 12.31
N ILE B 253 2.77 52.08 11.91
CA ILE B 253 2.44 50.76 11.38
C ILE B 253 3.11 49.71 12.25
N GLU B 254 2.36 48.68 12.63
CA GLU B 254 2.89 47.51 13.29
C GLU B 254 2.82 46.30 12.35
N GLU B 255 3.78 45.40 12.52
CA GLU B 255 3.83 44.16 11.74
C GLU B 255 3.70 42.98 12.69
N VAL B 256 2.73 42.11 12.43
CA VAL B 256 2.35 41.04 13.33
C VAL B 256 2.37 39.71 12.58
N GLY B 257 2.79 38.64 13.29
CA GLY B 257 2.82 37.31 12.71
C GLY B 257 1.57 36.50 13.00
N SER B 258 1.46 35.37 12.31
CA SER B 258 0.25 34.56 12.38
C SER B 258 0.11 33.82 13.70
N LYS B 259 1.21 33.37 14.30
CA LYS B 259 1.11 32.62 15.54
C LYS B 259 0.54 33.48 16.66
N ASP B 260 1.03 34.72 16.78
CA ASP B 260 0.45 35.63 17.76
C ASP B 260 -1.01 35.91 17.46
N ALA B 261 -1.33 36.13 16.18
CA ALA B 261 -2.71 36.44 15.79
C ALA B 261 -3.67 35.34 16.22
N PHE B 262 -3.34 34.08 15.90
CA PHE B 262 -4.24 32.99 16.27
C PHE B 262 -4.26 32.76 17.78
N THR B 263 -3.15 33.01 18.47
CA THR B 263 -3.11 32.87 19.92
C THR B 263 -4.06 33.85 20.59
N LEU B 264 -3.98 35.13 20.22
CA LEU B 264 -4.81 36.14 20.88
C LEU B 264 -6.27 35.98 20.52
N SER B 265 -6.56 35.59 19.28
CA SER B 265 -7.95 35.30 18.89
C SER B 265 -8.52 34.19 19.75
N LEU B 266 -7.73 33.14 20.00
CA LEU B 266 -8.20 32.05 20.85
C LEU B 266 -8.46 32.53 22.28
N LYS B 267 -7.58 33.39 22.81
CA LYS B 267 -7.80 33.92 24.14
C LYS B 267 -9.05 34.80 24.20
N LEU B 268 -9.22 35.68 23.19
CA LEU B 268 -10.40 36.52 23.15
C LEU B 268 -11.68 35.69 23.13
N CYS B 269 -11.70 34.62 22.34
CA CYS B 269 -12.90 33.78 22.25
C CYS B 269 -13.19 33.11 23.58
N ARG B 270 -12.15 32.72 24.32
CA ARG B 270 -12.34 32.08 25.62
C ARG B 270 -12.71 33.08 26.70
N GLU B 271 -12.51 34.38 26.47
CA GLU B 271 -12.99 35.38 27.41
C GLU B 271 -14.45 35.75 27.18
N GLY B 272 -14.99 35.42 26.01
CA GLY B 272 -16.35 35.82 25.64
C GLY B 272 -16.44 36.75 24.44
N LEU B 273 -15.32 37.18 23.87
CA LEU B 273 -15.32 38.07 22.71
C LEU B 273 -14.96 37.21 21.49
N ILE B 274 -15.98 36.57 20.91
CA ILE B 274 -15.79 35.57 19.87
C ILE B 274 -15.45 36.29 18.56
N CYS B 275 -14.18 36.20 18.16
CA CYS B 275 -13.69 36.87 16.96
C CYS B 275 -12.58 36.03 16.34
N GLY B 276 -12.29 36.31 15.07
CA GLY B 276 -11.40 35.50 14.28
C GLY B 276 -9.94 35.90 14.37
N PRO B 277 -9.10 35.28 13.52
CA PRO B 277 -7.64 35.49 13.63
C PRO B 277 -7.19 36.92 13.40
N SER B 278 -7.80 37.65 12.47
CA SER B 278 -7.38 39.04 12.23
C SER B 278 -7.69 39.92 13.43
N SER B 279 -8.69 39.54 14.24
CA SER B 279 -9.00 40.32 15.43
C SER B 279 -7.89 40.20 16.47
N GLY B 280 -7.43 38.97 16.74
CA GLY B 280 -6.25 38.81 17.57
C GLY B 280 -5.02 39.42 16.93
N PHE B 281 -4.95 39.40 15.59
CA PHE B 281 -3.90 40.09 14.86
C PHE B 281 -3.89 41.57 15.20
N ASN B 282 -5.06 42.21 15.17
CA ASN B 282 -5.15 43.64 15.47
C ASN B 282 -4.73 43.93 16.90
N LEU B 283 -5.30 43.18 17.85
CA LEU B 283 -4.97 43.40 19.25
C LEU B 283 -3.49 43.22 19.52
N GLN B 284 -2.85 42.28 18.81
CA GLN B 284 -1.41 42.08 18.99
C GLN B 284 -0.63 43.29 18.47
N GLY B 285 -1.03 43.83 17.33
CA GLY B 285 -0.42 45.06 16.85
C GLY B 285 -0.52 46.19 17.86
N LEU B 286 -1.71 46.35 18.45
CA LEU B 286 -1.88 47.34 19.49
C LEU B 286 -0.96 47.06 20.68
N PHE B 287 -0.85 45.79 21.07
CA PHE B 287 0.06 45.42 22.15
C PHE B 287 1.50 45.82 21.82
N ASN B 288 1.92 45.60 20.57
CA ASN B 288 3.30 45.86 20.19
C ASN B 288 3.62 47.35 20.21
N TYR B 289 2.66 48.19 19.85
CA TYR B 289 2.93 49.63 19.89
C TYR B 289 2.95 50.16 21.31
N LEU B 290 2.01 49.70 22.14
CA LEU B 290 2.04 50.05 23.56
C LEU B 290 3.32 49.58 24.23
N GLY B 291 3.84 48.43 23.82
CA GLY B 291 5.09 47.94 24.38
C GLY B 291 6.28 48.80 24.01
N ARG B 292 6.24 49.43 22.83
CA ARG B 292 7.32 50.35 22.46
C ARG B 292 7.29 51.59 23.33
N LEU B 293 6.10 52.18 23.50
CA LEU B 293 5.99 53.42 24.26
C LEU B 293 6.34 53.20 25.72
N LYS B 294 5.97 52.04 26.27
CA LYS B 294 6.40 51.71 27.63
C LYS B 294 7.91 51.50 27.69
N ALA B 295 8.47 50.77 26.71
CA ALA B 295 9.92 50.57 26.68
C ALA B 295 10.65 51.88 26.44
N ALA B 296 10.01 52.83 25.77
CA ALA B 296 10.56 54.17 25.57
C ALA B 296 10.10 55.15 26.64
N GLY B 297 9.25 54.72 27.57
CA GLY B 297 8.75 55.60 28.61
C GLY B 297 7.84 56.69 28.12
N THR B 298 7.23 56.50 26.95
CA THR B 298 6.34 57.52 26.38
C THR B 298 4.84 57.21 26.40
N LEU B 299 4.44 56.16 27.12
CA LEU B 299 3.04 55.79 27.14
C LEU B 299 2.15 56.90 27.72
N SER B 300 2.74 57.79 28.52
CA SER B 300 1.99 58.91 29.07
C SER B 300 1.45 59.85 27.99
N SER B 301 2.05 59.83 26.79
CA SER B 301 1.66 60.77 25.74
C SER B 301 0.26 60.49 25.22
N LEU B 302 -0.20 59.25 25.29
CA LEU B 302 -1.53 58.89 24.82
C LEU B 302 -2.63 59.19 25.83
N ALA B 303 -2.26 59.52 27.08
CA ALA B 303 -3.24 59.55 28.17
C ALA B 303 -4.07 60.84 28.16
N GLY B 304 -5.33 60.71 28.53
CA GLY B 304 -6.22 61.84 28.67
C GLY B 304 -6.10 62.50 30.03
N PRO B 305 -7.08 63.35 30.37
CA PRO B 305 -6.98 64.11 31.63
C PRO B 305 -7.05 63.25 32.87
N TYR B 306 -7.68 62.08 32.81
CA TYR B 306 -7.78 61.19 33.96
C TYR B 306 -6.68 60.15 34.00
N GLY B 307 -5.64 60.32 33.20
CA GLY B 307 -4.52 59.41 33.21
C GLY B 307 -4.76 58.06 32.58
N ILE B 308 -5.91 57.84 31.94
CA ILE B 308 -6.19 56.58 31.29
C ILE B 308 -6.03 56.75 29.78
N ILE B 309 -5.79 55.63 29.11
CA ILE B 309 -5.61 55.58 27.66
C ILE B 309 -6.68 54.63 27.12
N ASP B 310 -7.70 55.21 26.49
CA ASP B 310 -8.79 54.42 25.90
C ASP B 310 -8.42 54.06 24.47
N CYS B 311 -8.18 52.78 24.23
CA CYS B 311 -7.86 52.26 22.91
C CYS B 311 -9.03 51.45 22.38
N ALA B 312 -9.38 51.67 21.11
CA ALA B 312 -10.37 50.87 20.41
C ALA B 312 -9.69 50.13 19.26
N PHE B 313 -9.99 48.83 19.12
CA PHE B 313 -9.48 48.05 17.99
C PHE B 313 -10.63 47.26 17.37
N ILE B 314 -10.47 46.93 16.08
CA ILE B 314 -11.52 46.29 15.29
C ILE B 314 -11.41 44.78 15.42
N CYS B 315 -12.56 44.13 15.62
CA CYS B 315 -12.69 42.67 15.55
C CYS B 315 -13.50 42.36 14.30
N CYS B 316 -12.87 41.73 13.30
CA CYS B 316 -13.38 41.81 11.95
C CYS B 316 -14.38 40.71 11.61
N ASP B 317 -14.22 39.51 12.15
CA ASP B 317 -15.17 38.43 11.86
C ASP B 317 -15.00 37.32 12.88
N LEU B 318 -15.74 36.26 12.68
CA LEU B 318 -15.84 35.13 13.60
C LEU B 318 -14.74 34.11 13.31
N PRO B 319 -14.41 33.28 14.31
CA PRO B 319 -13.34 32.29 14.13
C PRO B 319 -13.78 30.99 13.47
N TYR B 320 -15.09 30.75 13.38
CA TYR B 320 -15.58 29.44 12.95
C TYR B 320 -15.01 28.96 11.62
N PRO B 321 -14.91 29.78 10.56
CA PRO B 321 -14.32 29.28 9.31
C PRO B 321 -12.86 28.87 9.41
N TYR B 322 -12.17 29.22 10.49
CA TYR B 322 -10.73 29.00 10.59
C TYR B 322 -10.35 27.99 11.69
N VAL B 323 -11.33 27.24 12.22
CA VAL B 323 -11.09 26.45 13.43
C VAL B 323 -9.92 25.49 13.24
N ASP B 324 -9.87 24.80 12.10
CA ASP B 324 -8.80 23.83 11.87
C ASP B 324 -7.43 24.49 11.82
N GLU B 325 -7.36 25.73 11.32
CA GLU B 325 -6.07 26.41 11.23
C GLU B 325 -5.50 26.74 12.60
N TYR B 326 -6.34 26.92 13.61
CA TYR B 326 -5.84 27.14 14.96
C TYR B 326 -5.03 25.94 15.44
N PHE B 327 -5.44 24.74 15.07
CA PHE B 327 -4.72 23.54 15.51
C PHE B 327 -3.43 23.33 14.73
N ASP B 328 -3.40 23.72 13.45
CA ASP B 328 -2.15 23.62 12.68
C ASP B 328 -1.12 24.62 13.17
N LYS B 329 -1.56 25.83 13.54
CA LYS B 329 -0.64 26.90 13.92
C LYS B 329 -0.25 26.85 15.40
N LEU B 330 -1.18 26.47 16.27
CA LEU B 330 -0.90 26.39 17.69
C LEU B 330 -0.62 24.95 18.08
N GLY B 331 0.24 24.78 19.09
CA GLY B 331 0.57 23.45 19.55
C GLY B 331 -0.60 22.77 20.23
N ASP B 332 -0.45 21.45 20.41
CA ASP B 332 -1.43 20.70 21.18
C ASP B 332 -1.58 21.24 22.60
N ASN B 333 -0.57 21.97 23.10
CA ASN B 333 -0.58 22.50 24.46
C ASN B 333 -1.67 23.54 24.67
N ALA B 334 -2.29 24.04 23.61
CA ALA B 334 -3.34 25.04 23.72
C ALA B 334 -4.74 24.44 23.89
N PHE B 335 -4.87 23.12 23.79
CA PHE B 335 -6.17 22.47 23.81
C PHE B 335 -6.13 21.23 24.69
N HIS B 336 -7.18 21.03 25.48
CA HIS B 336 -7.37 19.75 26.17
C HIS B 336 -7.60 18.67 25.14
N PRO B 337 -6.94 17.52 25.25
CA PRO B 337 -7.18 16.42 24.31
C PRO B 337 -8.49 15.72 24.62
N ILE B 338 -9.03 15.05 23.60
CA ILE B 338 -10.27 14.31 23.77
C ILE B 338 -10.05 13.11 24.68
N ARG B 339 -10.92 12.94 25.66
CA ARG B 339 -10.89 11.76 26.50
C ARG B 339 -11.76 10.68 25.91
N ASN B 340 -11.27 9.43 25.97
CA ASN B 340 -11.87 8.31 25.24
C ASN B 340 -11.88 8.60 23.75
N GLN B 341 -10.78 9.17 23.25
CA GLN B 341 -10.70 9.57 21.86
C GLN B 341 -10.92 8.38 20.93
N ASN B 342 -10.53 7.18 21.36
CA ASN B 342 -10.69 5.99 20.54
C ASN B 342 -12.15 5.73 20.16
N LEU B 343 -13.11 6.23 20.94
CA LEU B 343 -14.51 5.97 20.65
C LEU B 343 -15.01 6.72 19.42
N ALA B 344 -14.23 7.64 18.87
CA ALA B 344 -14.66 8.38 17.69
C ALA B 344 -14.68 7.50 16.45
N ALA B 345 -13.75 6.55 16.34
CA ALA B 345 -13.64 5.66 15.20
C ALA B 345 -14.48 4.40 15.31
N VAL B 346 -15.13 4.17 16.45
CA VAL B 346 -15.92 2.96 16.69
C VAL B 346 -17.29 3.36 17.23
N ASP B 347 -18.14 2.35 17.44
CA ASP B 347 -19.52 2.54 17.90
C ASP B 347 -20.21 3.64 17.10
N LEU B 348 -20.09 3.54 15.78
CA LEU B 348 -20.47 4.64 14.89
C LEU B 348 -21.97 4.78 14.68
N TYR B 349 -22.78 3.81 15.11
CA TYR B 349 -24.17 3.75 14.69
C TYR B 349 -25.11 4.09 15.85
N ARG B 350 -26.37 4.35 15.48
CA ARG B 350 -27.36 4.88 16.39
C ARG B 350 -27.91 3.79 17.31
N TYR B 351 -28.45 4.23 18.43
CA TYR B 351 -29.13 3.37 19.40
C TYR B 351 -30.53 3.93 19.64
N ASP B 352 -31.55 3.09 19.49
CA ASP B 352 -32.93 3.48 19.68
C ASP B 352 -33.49 2.81 20.93
N GLU B 353 -34.05 3.62 21.83
CA GLU B 353 -34.58 3.11 23.09
C GLU B 353 -35.60 1.99 22.88
N ALA B 354 -36.34 2.03 21.77
CA ALA B 354 -37.34 1.01 21.51
C ALA B 354 -36.74 -0.37 21.20
N TRP B 355 -35.44 -0.44 20.91
CA TRP B 355 -34.79 -1.73 20.70
C TRP B 355 -34.47 -2.45 22.00
N GLU B 356 -34.43 -1.74 23.12
CA GLU B 356 -34.17 -2.36 24.41
C GLU B 356 -35.49 -2.74 25.06
N LEU B 357 -35.69 -4.04 25.27
CA LEU B 357 -36.95 -4.57 25.78
C LEU B 357 -36.76 -5.17 27.16
N GLU B 358 -37.76 -4.98 28.02
CA GLU B 358 -37.79 -5.65 29.30
C GLU B 358 -37.87 -7.17 29.09
N PRO B 359 -37.35 -7.96 30.03
CA PRO B 359 -37.35 -9.43 29.85
C PRO B 359 -38.71 -10.01 29.49
N SER B 360 -39.76 -9.66 30.24
CA SER B 360 -41.08 -10.20 29.93
C SER B 360 -41.54 -9.79 28.54
N SER B 361 -41.26 -8.55 28.14
CA SER B 361 -41.74 -8.06 26.85
C SER B 361 -41.04 -8.75 25.68
N ALA B 362 -39.75 -9.05 25.84
CA ALA B 362 -39.01 -9.66 24.74
C ALA B 362 -39.40 -11.12 24.56
N LEU B 363 -39.53 -11.87 25.66
CA LEU B 363 -39.89 -13.28 25.58
C LEU B 363 -41.35 -13.50 25.21
N SER B 364 -42.20 -12.49 25.30
CA SER B 364 -43.58 -12.63 24.84
C SER B 364 -43.64 -12.76 23.33
N HIS B 365 -42.81 -12.00 22.61
CA HIS B 365 -42.66 -12.13 21.16
C HIS B 365 -41.95 -13.41 20.77
N PHE B 366 -41.78 -14.37 21.66
CA PHE B 366 -40.93 -15.52 21.38
C PHE B 366 -41.51 -16.79 21.99
N GLU B 374 -39.75 -17.25 12.49
CA GLU B 374 -40.22 -15.87 12.56
C GLU B 374 -39.42 -15.06 13.58
N ALA B 375 -39.08 -15.68 14.72
CA ALA B 375 -38.32 -15.01 15.76
C ALA B 375 -37.18 -15.91 16.23
N VAL B 376 -36.06 -15.29 16.57
CA VAL B 376 -34.83 -15.98 16.93
C VAL B 376 -34.16 -15.25 18.10
N LEU B 377 -33.69 -16.02 19.08
CA LEU B 377 -33.02 -15.47 20.25
C LEU B 377 -31.53 -15.80 20.20
N LEU B 378 -30.69 -14.76 20.19
CA LEU B 378 -29.25 -14.89 20.18
C LEU B 378 -28.69 -14.70 21.58
N ASP B 379 -27.82 -15.60 22.01
CA ASP B 379 -27.18 -15.55 23.32
C ASP B 379 -25.69 -15.35 23.11
N LEU B 380 -25.14 -14.25 23.65
CA LEU B 380 -23.76 -13.85 23.37
C LEU B 380 -22.81 -14.22 24.51
N ARG B 381 -23.22 -15.11 25.42
CA ARG B 381 -22.36 -15.50 26.53
C ARG B 381 -21.38 -16.58 26.10
N LYS B 382 -20.36 -16.80 26.93
CA LYS B 382 -19.33 -17.79 26.62
C LYS B 382 -19.95 -19.18 26.54
N PRO B 383 -19.31 -20.10 25.81
CA PRO B 383 -19.96 -21.38 25.53
C PRO B 383 -20.28 -22.21 26.77
N GLU B 384 -19.39 -22.19 27.77
CA GLU B 384 -19.66 -22.98 28.97
C GLU B 384 -20.77 -22.35 29.81
N ASP B 385 -20.87 -21.01 29.82
CA ASP B 385 -21.98 -20.38 30.52
C ASP B 385 -23.31 -20.70 29.84
N PHE B 386 -23.31 -20.76 28.50
CA PHE B 386 -24.52 -21.11 27.76
C PHE B 386 -24.98 -22.53 28.09
N ILE B 387 -24.04 -23.48 28.11
CA ILE B 387 -24.39 -24.86 28.41
C ILE B 387 -24.90 -24.98 29.84
N MET B 388 -24.27 -24.27 30.78
CA MET B 388 -24.70 -24.31 32.17
C MET B 388 -26.19 -24.02 32.31
N SER B 389 -26.65 -22.93 31.72
CA SER B 389 -28.08 -22.64 31.65
C SER B 389 -28.33 -21.56 30.61
N HIS B 390 -29.36 -21.76 29.79
CA HIS B 390 -29.75 -20.77 28.80
C HIS B 390 -31.25 -20.90 28.55
N ILE B 391 -31.82 -19.88 27.91
CA ILE B 391 -33.23 -19.88 27.55
C ILE B 391 -33.48 -20.92 26.46
N PRO B 392 -34.40 -21.86 26.66
CA PRO B 392 -34.63 -22.90 25.64
C PRO B 392 -35.14 -22.30 24.33
N GLY B 393 -34.50 -22.69 23.23
CA GLY B 393 -34.83 -22.19 21.91
C GLY B 393 -33.83 -21.21 21.35
N SER B 394 -32.82 -20.84 22.12
CA SER B 394 -31.87 -19.81 21.73
C SER B 394 -30.60 -20.40 21.14
N TYR B 395 -29.99 -19.66 20.22
CA TYR B 395 -28.69 -19.99 19.68
C TYR B 395 -27.61 -19.33 20.52
N ASN B 396 -26.43 -19.95 20.55
CA ASN B 396 -25.28 -19.37 21.23
C ASN B 396 -24.31 -18.81 20.21
N LEU B 397 -23.81 -17.61 20.48
CA LEU B 397 -22.82 -16.95 19.61
C LEU B 397 -21.84 -16.20 20.51
N PRO B 398 -20.78 -16.87 20.94
CA PRO B 398 -19.88 -16.27 21.93
C PRO B 398 -18.95 -15.24 21.31
N LEU B 399 -18.30 -14.50 22.19
CA LEU B 399 -17.39 -13.42 21.81
C LEU B 399 -16.15 -13.49 22.70
N GLN B 400 -14.98 -13.30 22.10
CA GLN B 400 -13.75 -13.33 22.88
C GLN B 400 -13.72 -12.22 23.93
N SER B 401 -14.29 -11.05 23.62
CA SER B 401 -14.16 -9.86 24.44
C SER B 401 -15.26 -9.73 25.50
N SER B 402 -16.09 -10.75 25.68
CA SER B 402 -17.20 -10.69 26.65
C SER B 402 -17.15 -11.93 27.55
N ASN B 403 -16.67 -11.75 28.78
CA ASN B 403 -16.74 -12.76 29.82
C ASN B 403 -17.91 -12.46 30.74
N ALA B 404 -18.07 -13.32 31.75
CA ALA B 404 -18.91 -12.98 32.88
C ALA B 404 -18.24 -11.97 33.79
N SER B 405 -16.93 -11.77 33.65
CA SER B 405 -16.18 -10.83 34.49
C SER B 405 -15.82 -9.54 33.78
N THR B 406 -15.87 -9.52 32.45
CA THR B 406 -15.47 -8.33 31.71
C THR B 406 -16.39 -7.16 32.05
N PRO B 407 -15.84 -5.96 32.23
CA PRO B 407 -16.68 -4.82 32.61
C PRO B 407 -17.65 -4.43 31.51
N SER B 408 -18.68 -3.68 31.89
CA SER B 408 -19.65 -3.20 30.93
C SER B 408 -18.95 -2.34 29.88
N PRO B 409 -19.31 -2.47 28.60
CA PRO B 409 -18.64 -1.66 27.58
C PRO B 409 -18.86 -0.16 27.75
N PHE B 410 -19.93 0.26 28.41
CA PHE B 410 -20.25 1.66 28.58
C PHE B 410 -19.56 2.28 29.79
N THR B 411 -18.78 1.50 30.53
CA THR B 411 -17.95 2.02 31.61
C THR B 411 -16.47 1.98 31.28
N ASP B 412 -16.08 1.31 30.20
CA ASP B 412 -14.68 1.17 29.82
C ASP B 412 -14.58 1.33 28.31
N ALA B 413 -13.99 2.43 27.85
CA ALA B 413 -13.95 2.74 26.43
C ALA B 413 -13.20 1.67 25.65
N MET B 414 -12.18 1.05 26.25
CA MET B 414 -11.44 -0.01 25.55
C MET B 414 -12.30 -1.25 25.37
N VAL B 415 -13.11 -1.59 26.38
CA VAL B 415 -14.03 -2.72 26.25
C VAL B 415 -15.04 -2.44 25.13
N LEU B 416 -15.57 -1.22 25.07
CA LEU B 416 -16.52 -0.87 24.01
C LEU B 416 -15.88 -0.98 22.64
N GLU B 417 -14.61 -0.59 22.52
CA GLU B 417 -13.92 -0.69 21.23
C GLU B 417 -13.74 -2.15 20.83
N LYS B 418 -13.26 -2.99 21.76
CA LYS B 418 -13.06 -4.40 21.45
C LYS B 418 -14.37 -5.09 21.10
N GLN B 419 -15.40 -4.89 21.94
CA GLN B 419 -16.67 -5.55 21.72
C GLN B 419 -17.33 -5.11 20.42
N TRP B 420 -17.37 -3.79 20.16
CA TRP B 420 -17.99 -3.30 18.94
C TRP B 420 -17.28 -3.84 17.71
N LYS B 421 -15.94 -3.81 17.72
CA LYS B 421 -15.20 -4.31 16.57
C LYS B 421 -15.41 -5.80 16.38
N GLU B 422 -15.35 -6.58 17.47
CA GLU B 422 -15.60 -8.02 17.35
C GLU B 422 -17.02 -8.30 16.87
N LEU B 423 -17.98 -7.47 17.27
CA LEU B 423 -19.34 -7.62 16.79
C LEU B 423 -19.47 -7.28 15.31
N GLU B 424 -18.77 -6.23 14.85
CA GLU B 424 -18.79 -5.89 13.43
C GLU B 424 -18.18 -7.00 12.59
N ALA B 425 -17.09 -7.61 13.08
CA ALA B 425 -16.44 -8.71 12.40
C ALA B 425 -17.23 -10.01 12.54
N THR B 426 -17.97 -10.17 13.64
CA THR B 426 -18.76 -11.37 13.82
C THR B 426 -19.90 -11.43 12.81
N PHE B 427 -20.68 -10.37 12.71
CA PHE B 427 -21.89 -10.37 11.87
C PHE B 427 -21.55 -10.01 10.42
N THR B 428 -20.77 -10.90 9.80
CA THR B 428 -20.56 -10.84 8.37
C THR B 428 -21.82 -11.31 7.65
N LEU B 429 -21.79 -11.26 6.31
CA LEU B 429 -22.95 -11.65 5.53
C LEU B 429 -23.26 -13.14 5.70
N ASP B 430 -22.21 -13.96 5.64
CA ASP B 430 -22.37 -15.40 5.77
C ASP B 430 -22.95 -15.75 7.14
N ARG B 431 -22.52 -15.04 8.17
CA ARG B 431 -23.00 -15.27 9.52
C ARG B 431 -24.50 -15.01 9.63
N ILE B 432 -24.96 -13.96 8.97
CA ILE B 432 -26.38 -13.60 9.00
C ILE B 432 -27.24 -14.70 8.40
N ASN B 433 -26.77 -15.28 7.30
CA ASN B 433 -27.50 -16.37 6.64
C ASN B 433 -27.27 -17.70 7.32
N ALA B 434 -26.12 -17.91 7.95
CA ALA B 434 -25.86 -19.16 8.65
C ALA B 434 -26.74 -19.33 9.87
N HIS B 435 -27.25 -18.22 10.44
CA HIS B 435 -28.17 -18.26 11.56
C HIS B 435 -29.59 -17.85 11.18
N ASP B 436 -29.85 -17.67 9.88
CA ASP B 436 -31.17 -17.31 9.37
C ASP B 436 -31.71 -16.02 9.97
N LEU B 437 -30.82 -15.06 10.24
CA LEU B 437 -31.26 -13.81 10.85
C LEU B 437 -32.03 -12.92 9.88
N SER B 438 -31.82 -13.09 8.58
CA SER B 438 -32.40 -12.18 7.59
C SER B 438 -33.92 -12.29 7.58
N GLY B 439 -34.60 -11.14 7.73
CA GLY B 439 -36.04 -11.08 7.67
C GLY B 439 -36.78 -11.53 8.91
N LYS B 440 -36.06 -11.81 10.00
CA LYS B 440 -36.68 -12.25 11.25
C LYS B 440 -36.50 -11.20 12.33
N ASP B 441 -37.31 -11.33 13.38
CA ASP B 441 -37.15 -10.51 14.58
C ASP B 441 -36.10 -11.17 15.46
N VAL B 442 -34.93 -10.53 15.57
CA VAL B 442 -33.79 -11.09 16.28
C VAL B 442 -33.71 -10.47 17.66
N TYR B 443 -33.84 -11.29 18.69
CA TYR B 443 -33.68 -10.85 20.07
C TYR B 443 -32.33 -11.31 20.58
N ILE B 444 -31.60 -10.41 21.24
CA ILE B 444 -30.23 -10.65 21.65
C ILE B 444 -30.14 -10.59 23.17
N LEU B 445 -29.39 -11.52 23.73
CA LEU B 445 -29.22 -11.64 25.18
C LEU B 445 -27.75 -11.83 25.51
N CYS B 446 -27.29 -11.15 26.54
CA CYS B 446 -25.93 -11.34 27.05
C CYS B 446 -26.03 -11.47 28.57
N TYR B 447 -24.94 -11.16 29.27
CA TYR B 447 -24.93 -11.30 30.73
C TYR B 447 -25.79 -10.23 31.39
N ASN B 448 -25.50 -8.95 31.12
CA ASN B 448 -26.19 -7.85 31.78
C ASN B 448 -26.98 -6.95 30.84
N GLY B 449 -26.97 -7.23 29.54
CA GLY B 449 -27.73 -6.46 28.57
C GLY B 449 -26.93 -5.45 27.77
N ASP B 450 -25.73 -5.09 28.24
CA ASP B 450 -24.98 -4.01 27.63
C ASP B 450 -24.31 -4.43 26.32
N THR B 451 -23.62 -5.58 26.32
CA THR B 451 -23.06 -6.09 25.08
C THR B 451 -24.16 -6.36 24.06
N ALA B 452 -25.30 -6.89 24.51
CA ALA B 452 -26.42 -7.11 23.61
C ALA B 452 -26.92 -5.81 22.98
N ARG B 453 -26.94 -4.73 23.77
CA ARG B 453 -27.41 -3.46 23.20
C ARG B 453 -26.44 -2.92 22.17
N VAL B 454 -25.13 -3.08 22.40
CA VAL B 454 -24.15 -2.73 21.38
C VAL B 454 -24.38 -3.56 20.12
N ALA B 455 -24.77 -4.82 20.29
CA ALA B 455 -25.00 -5.69 19.14
C ALA B 455 -26.21 -5.26 18.33
N THR B 456 -27.24 -4.70 18.98
CA THR B 456 -28.40 -4.23 18.23
C THR B 456 -28.05 -3.04 17.36
N SER B 457 -27.21 -2.12 17.86
CA SER B 457 -26.74 -1.02 17.01
C SER B 457 -25.97 -1.56 15.81
N VAL B 458 -25.18 -2.61 16.01
CA VAL B 458 -24.43 -3.20 14.90
C VAL B 458 -25.39 -3.80 13.89
N LEU B 459 -26.41 -4.53 14.36
CA LEU B 459 -27.27 -5.27 13.45
C LEU B 459 -28.33 -4.38 12.81
N ARG B 460 -28.87 -3.41 13.54
CA ARG B 460 -29.81 -2.47 12.94
C ARG B 460 -29.17 -1.73 11.76
N ALA B 461 -27.90 -1.33 11.90
CA ALA B 461 -27.19 -0.67 10.82
C ALA B 461 -26.93 -1.61 9.65
N LYS B 462 -27.00 -2.92 9.87
CA LYS B 462 -26.91 -3.90 8.79
C LYS B 462 -28.27 -4.35 8.29
N GLY B 463 -29.35 -3.73 8.75
CA GLY B 463 -30.68 -3.99 8.24
C GLY B 463 -31.46 -5.08 8.94
N ILE B 464 -30.89 -5.70 9.97
CA ILE B 464 -31.56 -6.77 10.71
C ILE B 464 -32.38 -6.18 11.84
N SER B 465 -33.66 -6.55 11.92
CA SER B 465 -34.55 -6.07 12.97
C SER B 465 -34.18 -6.70 14.32
N ALA B 466 -33.23 -6.09 15.02
CA ALA B 466 -32.65 -6.67 16.24
C ALA B 466 -33.10 -5.90 17.47
N SER B 467 -33.34 -6.63 18.56
CA SER B 467 -33.65 -6.03 19.85
C SER B 467 -32.83 -6.74 20.93
N SER B 468 -32.63 -6.05 22.05
CA SER B 468 -31.88 -6.59 23.18
C SER B 468 -32.77 -6.68 24.40
N VAL B 469 -32.35 -7.50 25.36
CA VAL B 469 -33.08 -7.70 26.61
C VAL B 469 -32.39 -6.85 27.68
N LYS B 470 -33.08 -5.82 28.17
CA LYS B 470 -32.51 -4.99 29.21
C LYS B 470 -32.24 -5.83 30.45
N GLY B 471 -31.03 -5.73 30.99
CA GLY B 471 -30.61 -6.52 32.11
C GLY B 471 -30.02 -7.87 31.76
N GLY B 472 -30.06 -8.26 30.49
CA GLY B 472 -29.46 -9.52 30.09
C GLY B 472 -30.15 -10.73 30.74
N ILE B 473 -29.41 -11.83 30.81
CA ILE B 473 -29.97 -13.05 31.39
C ILE B 473 -30.13 -12.91 32.90
N ALA B 474 -29.42 -11.96 33.52
CA ALA B 474 -29.57 -11.78 34.96
C ALA B 474 -30.95 -11.24 35.30
N ALA B 475 -31.53 -10.45 34.40
CA ALA B 475 -32.87 -9.89 34.60
C ALA B 475 -33.98 -10.87 34.26
N VAL B 476 -33.79 -11.75 33.27
CA VAL B 476 -34.82 -12.74 33.01
C VAL B 476 -34.89 -13.76 34.14
N ARG B 477 -33.75 -14.06 34.77
CA ARG B 477 -33.77 -14.92 35.95
C ARG B 477 -34.45 -14.22 37.13
N LYS B 478 -34.35 -12.90 37.20
CA LYS B 478 -34.98 -12.15 38.27
C LYS B 478 -36.44 -11.85 37.98
N ASP B 479 -36.72 -11.25 36.81
CA ASP B 479 -38.08 -10.84 36.48
C ASP B 479 -38.97 -12.01 36.08
N LEU B 480 -38.40 -13.06 35.48
CA LEU B 480 -39.16 -14.23 35.03
C LEU B 480 -38.57 -15.48 35.66
N PRO B 481 -38.74 -15.65 36.98
CA PRO B 481 -38.15 -16.83 37.63
C PRO B 481 -38.87 -18.12 37.33
N GLN B 482 -40.10 -18.06 36.80
CA GLN B 482 -40.88 -19.27 36.53
C GLN B 482 -40.53 -19.91 35.19
N MET B 483 -40.00 -19.14 34.24
CA MET B 483 -39.57 -19.69 32.96
C MET B 483 -38.35 -20.59 33.20
N GLN B 484 -38.53 -21.90 33.09
CA GLN B 484 -37.43 -22.81 33.35
C GLN B 484 -36.47 -22.85 32.17
N MET B 485 -35.19 -22.99 32.50
CA MET B 485 -34.13 -22.94 31.48
C MET B 485 -33.34 -24.23 31.30
N ALA B 486 -32.96 -24.48 30.05
CA ALA B 486 -32.22 -25.67 29.69
C ALA B 486 -30.84 -25.63 30.33
N GLU B 487 -30.46 -26.71 31.01
CA GLU B 487 -29.25 -26.71 31.83
C GLU B 487 -28.34 -27.91 31.55
N GLY B 489 -26.55 -27.88 28.34
CA GLY B 489 -26.44 -28.51 27.03
C GLY B 489 -27.46 -29.62 26.82
N ARG B 490 -28.38 -29.78 27.78
CA ARG B 490 -29.37 -30.83 27.69
C ARG B 490 -30.35 -30.56 26.56
N VAL B 491 -30.75 -31.62 25.87
CA VAL B 491 -31.60 -31.50 24.69
C VAL B 491 -33.08 -31.48 25.09
OP1 P1T C . 8.81 -47.02 -6.53
P P1T C . 8.46 -45.98 -5.50
OP2 P1T C . 7.11 -45.38 -5.81
OP3 P1T C . 8.38 -46.61 -4.12
OP4 P1T C . 9.63 -44.81 -5.49
C5A P1T C . 9.47 -43.67 -4.70
C5 P1T C . 10.01 -42.44 -5.44
C6 P1T C . 11.27 -41.93 -5.14
N1 P1T C . 11.73 -40.83 -5.78
C2 P1T C . 10.98 -40.23 -6.73
C2A P1T C . 11.50 -38.99 -7.46
C3 P1T C . 9.72 -40.74 -7.03
O3A P1T C . 8.93 -40.12 -8.01
C4 P1T C . 9.25 -41.83 -6.38
C4A P1T C . 7.88 -42.41 -6.69
N P1T C . 6.91 -41.41 -7.05
CA P1T C . 5.69 -41.83 -7.66
CB P1T C . 4.88 -42.37 -6.80
C P1T C . 4.96 -41.01 -8.69
O P1T C . 3.72 -40.82 -8.58
OXT P1T C . 5.60 -40.50 -9.65
OP1 P1T D . -8.38 46.57 5.30
P P1T D . -9.58 45.68 5.09
OP2 P1T D . -9.38 44.90 3.82
OP3 P1T D . -10.83 46.52 4.94
OP4 P1T D . -9.77 44.65 6.38
C5A P1T D . -8.94 43.53 6.52
C5 P1T D . -9.68 42.25 6.96
C6 P1T D . -9.55 41.77 8.25
N1 P1T D . -10.20 40.63 8.62
C2 P1T D . -10.98 39.96 7.75
C2A P1T D . -11.70 38.69 8.18
C3 P1T D . -11.11 40.44 6.46
O3A P1T D . -11.91 39.76 5.55
C4 P1T D . -10.47 41.58 6.08
C4A P1T D . -10.62 42.10 4.67
N P1T D . -10.91 40.99 3.79
CA P1T D . -11.23 41.28 2.43
CB P1T D . -10.21 41.76 1.79
C P1T D . -12.07 40.37 1.56
O P1T D . -12.93 39.60 2.07
OXT P1T D . -11.87 40.39 0.32
#